data_8HXZ
#
_entry.id   8HXZ
#
_cell.length_a   1.00
_cell.length_b   1.00
_cell.length_c   1.00
_cell.angle_alpha   90.00
_cell.angle_beta   90.00
_cell.angle_gamma   90.00
#
_symmetry.space_group_name_H-M   'P 1'
#
loop_
_entity.id
_entity.type
_entity.pdbx_description
1 polymer 'Histone H3'
2 polymer 'Histone H4'
3 polymer 'Histone H2A'
4 polymer 'Histone H2B'
5 polymer 'DNA (352-MER)'
6 polymer 'DNA (352-MER)'
7 polymer 'Chromatin modification-related protein EAF3'
#
loop_
_entity_poly.entity_id
_entity_poly.type
_entity_poly.pdbx_seq_one_letter_code
_entity_poly.pdbx_strand_id
1 'polypeptide(L)'
;ARTKQTARKSTGGKAPRKQLATKAARKSAPATGGV(ML3)KPHRYRPGTVALREIRRYQKSTELLIRKLPFQRLVREIAQ
DFKTDLRFQSSAVMALQEASEAYLVALFEDTNLAAIHAKRVTIMPKDIQLARRIRGERA
;
A,E
2 'polypeptide(L)'
;SGRGKGGKGLGKGGAKRHRKVLRDNIQGITKPAIRRLARRGGVKRISGLIYEETRGVLKVFLENVIRDAVTYTEHAKRKT
VTAMDVVYALKRQGRTLYGFGG
;
B,F
3 'polypeptide(L)'
;SGRGKQGGKTRAKAKTRSSRAGLQFPVGRVHRLLRKGNYAERVGAGAPVYLAAVLEYLTAEILELAGNAARDNKKTRIIP
RHLQLAVRNDEELNKLLGRVTIAQGGVLPNIQSVLLPKKTESSKSAKSK
;
C,G
4 'polypeptide(L)'
;AKSAPAPKKGSKKAVTKTQKKDGKKRRKTRKESYAIYVYKVLKQVHPDTGISSKAMSIMNSFVNDVFERIAGEASRLAHY
NKRSTITSREIQTAVRLLLPGELAKHAVSEGTKAVTKYTSAK
;
D,H
5 'polydeoxyribonucleotide'
;(DG)(DA)(DA)(DT)(DT)(DC)(DG)(DA)(DT)(DA)(DT)(DC)(DG)(DA)(DG)(DA)(DA)(DT)(DC)(DC)
(DC)(DG)(DG)(DT)(DG)(DC)(DC)(DG)(DA)(DG)(DG)(DC)(DC)(DG)(DC)(DT)(DC)(DA)(DA)(DT)
(DT)(DG)(DG)(DT)(DC)(DG)(DT)(DA)(DG)(DA)(DC)(DA)(DG)(DC)(DT)(DC)(DT)(DA)(DG)(DC)
(DA)(DC)(DC)(DG)(DC)(DT)(DT)(DA)(DA)(DA)(DC)(DG)(DC)(DA)(DC)(DG)(DT)(DA)(DC)(DG)
(DC)(DG)(DC)(DT)(DG)(DT)(DC)(DC)(DC)(DC)(DC)(DG)(DC)(DG)(DT)(DT)(DT)(DT)(DA)(DA)
(DC)(DC)(DG)(DC)(DC)(DA)(DA)(DG)(DG)(DG)(DG)(DA)(DT)(DT)(DA)(DC)(DT)(DC)(DC)(DC)
(DT)(DA)(DG)(DT)(DC)(DT)(DC)(DC)(DA)(DG)(DG)(DC)(DA)(DC)(DG)(DT)(DG)(DT)(DC)(DA)
(DG)(DA)(DT)(DA)(DT)(DA)(DT)(DA)(DC)(DA)(DT)(DC)(DC)(DT)(DG)(DT)(DG)(DC)(DA)(DT)
(DG)(DT)(DA)(DT)(DT)(DG)(DA)(DA)(DA)(DG)(DT)(DA)(DC)(DT)(DG)(DC)(DC)(DA)(DG)(DT)
(DT)(DC)(DT)(DA)(DG)(DA)(DC)(DT)(DG)(DG)(DA)(DG)(DA)(DA)(DT)(DC)(DC)(DC)(DG)(DG)
(DT)(DG)(DC)(DC)(DG)(DA)(DG)(DG)(DC)(DC)(DG)(DC)(DT)(DC)(DA)(DA)(DT)(DT)(DG)(DG)
(DT)(DC)(DG)(DT)(DA)(DG)(DA)(DC)(DA)(DG)(DC)(DT)(DC)(DT)(DA)(DG)(DC)(DA)(DC)(DC)
(DG)(DC)(DT)(DT)(DA)(DA)(DA)(DC)(DG)(DC)(DA)(DC)(DG)(DT)(DA)(DC)(DG)(DC)(DG)(DC)
(DT)(DG)(DT)(DC)(DC)(DC)(DC)(DC)(DG)(DC)(DG)(DT)(DT)(DT)(DT)(DA)(DA)(DC)(DC)(DG)
(DC)(DC)(DA)(DA)(DG)(DG)(DG)(DG)(DA)(DT)(DT)(DA)(DC)(DT)(DC)(DC)(DC)(DT)(DA)(DG)
(DT)(DC)(DT)(DC)(DC)(DA)(DG)(DG)(DC)(DA)(DC)(DG)(DT)(DG)(DT)(DC)(DA)(DG)(DA)(DT)
(DA)(DT)(DA)(DT)(DA)(DC)(DA)(DT)(DC)(DC)(DT)(DG)(DT)(DG)(DC)(DA)(DT)(DG)(DT)(DA)
(DT)(DT)(DG)(DA)(DA)(DC)(DA)(DG)(DC)(DG)(DA)(DT)
;
I
6 'polydeoxyribonucleotide'
;(DA)(DT)(DC)(DG)(DC)(DT)(DG)(DT)(DT)(DC)(DA)(DA)(DT)(DA)(DC)(DA)(DT)(DG)(DC)(DA)
(DC)(DA)(DG)(DG)(DA)(DT)(DG)(DT)(DA)(DT)(DA)(DT)(DA)(DT)(DC)(DT)(DG)(DA)(DC)(DA)
(DC)(DG)(DT)(DG)(DC)(DC)(DT)(DG)(DG)(DA)(DG)(DA)(DC)(DT)(DA)(DG)(DG)(DG)(DA)(DG)
(DT)(DA)(DA)(DT)(DC)(DC)(DC)(DC)(DT)(DT)(DG)(DG)(DC)(DG)(DG)(DT)(DT)(DA)(DA)(DA)
(DA)(DC)(DG)(DC)(DG)(DG)(DG)(DG)(DG)(DA)(DC)(DA)(DG)(DC)(DG)(DC)(DG)(DT)(DA)(DC)
(DG)(DT)(DG)(DC)(DG)(DT)(DT)(DT)(DA)(DA)(DG)(DC)(DG)(DG)(DT)(DG)(DC)(DT)(DA)(DG)
(DA)(DG)(DC)(DT)(DG)(DT)(DC)(DT)(DA)(DC)(DG)(DA)(DC)(DC)(DA)(DA)(DT)(DT)(DG)(DA)
(DG)(DC)(DG)(DG)(DC)(DC)(DT)(DC)(DG)(DG)(DC)(DA)(DC)(DC)(DG)(DG)(DG)(DA)(DT)(DT)
(DC)(DT)(DC)(DC)(DA)(DG)(DT)(DC)(DT)(DA)(DG)(DA)(DA)(DC)(DT)(DG)(DG)(DC)(DA)(DG)
(DT)(DA)(DC)(DT)(DT)(DT)(DC)(DA)(DA)(DT)(DA)(DC)(DA)(DT)(DG)(DC)(DA)(DC)(DA)(DG)
(DG)(DA)(DT)(DG)(DT)(DA)(DT)(DA)(DT)(DA)(DT)(DC)(DT)(DG)(DA)(DC)(DA)(DC)(DG)(DT)
(DG)(DC)(DC)(DT)(DG)(DG)(DA)(DG)(DA)(DC)(DT)(DA)(DG)(DG)(DG)(DA)(DG)(DT)(DA)(DA)
(DT)(DC)(DC)(DC)(DC)(DT)(DT)(DG)(DG)(DC)(DG)(DG)(DT)(DT)(DA)(DA)(DA)(DA)(DC)(DG)
(DC)(DG)(DG)(DG)(DG)(DG)(DA)(DC)(DA)(DG)(DC)(DG)(DC)(DG)(DT)(DA)(DC)(DG)(DT)(DG)
(DC)(DG)(DT)(DT)(DT)(DA)(DA)(DG)(DC)(DG)(DG)(DT)(DG)(DC)(DT)(DA)(DG)(DA)(DG)(DC)
(DT)(DG)(DT)(DC)(DT)(DA)(DC)(DG)(DA)(DC)(DC)(DA)(DA)(DT)(DT)(DG)(DA)(DG)(DC)(DG)
(DG)(DC)(DC)(DT)(DC)(DG)(DG)(DC)(DA)(DC)(DC)(DG)(DG)(DG)(DA)(DT)(DT)(DC)(DT)(DC)
(DG)(DA)(DT)(DA)(DT)(DC)(DG)(DA)(DA)(DT)(DT)(DC)
;
J
7 'polypeptide(L)'
;MVDLEQEFALGGRCLAFHGPLMYEAKILKIWDPSSKMYTSIPNDKPGGSSQATKEIKPQKLGEDESIPEEIINGKCFFIH
YQGWKSSWDEWVGYDRIRAYNEENIAMKKRLANEAKEAKKSLLEQQKKKKLSTSLGGPSNGGKRKGDSRSNASISKSTSQ
SFLTSSVSGRKSGRSSANSLHPGSSLRSSSDQNGNDDRRRSSSLSPNMLHHIAGYPTPKISLQIPIKLKSVLVDDWEYVT
KDKKICRLPADVTVEMVLNKYEHEVSQELESPGSQSQLSEYCAGLKLYFDKCLGNMLLYRLERLQYDELLKKSSKDQKPL
VPIRIYGAIHLLRLISVLPELISSTTMDLQSCQLLIKQTEDFLVWLLMHVDEYFNDKDPNRSDDALYVNTSSQYEGVALG
M
;
M
#
loop_
_chem_comp.id
_chem_comp.type
_chem_comp.name
_chem_comp.formula
DA DNA linking 2'-DEOXYADENOSINE-5'-MONOPHOSPHATE 'C10 H14 N5 O6 P'
DC DNA linking 2'-DEOXYCYTIDINE-5'-MONOPHOSPHATE 'C9 H14 N3 O7 P'
DG DNA linking 2'-DEOXYGUANOSINE-5'-MONOPHOSPHATE 'C10 H14 N5 O7 P'
DT DNA linking THYMIDINE-5'-MONOPHOSPHATE 'C10 H15 N2 O8 P'
#
# COMPACT_ATOMS: atom_id res chain seq x y z
N GLY A 33 39.27 35.38 29.60
CA GLY A 33 39.29 34.08 30.24
C GLY A 33 38.20 33.15 29.76
N GLY A 34 37.12 33.06 30.53
CA GLY A 34 36.00 32.21 30.16
C GLY A 34 35.17 32.79 29.04
N VAL A 35 35.27 32.20 27.85
CA VAL A 35 34.52 32.67 26.70
C VAL A 35 33.20 31.89 26.62
N ML3 A 36 32.15 32.55 26.15
CA ML3 A 36 30.85 31.93 26.05
CB ML3 A 36 29.76 32.94 25.71
SG ML3 A 36 30.21 33.65 24.16
CD ML3 A 36 30.02 35.36 24.53
CE ML3 A 36 30.00 36.16 23.23
NZ ML3 A 36 28.67 36.69 22.72
CM1 ML3 A 36 27.50 35.93 23.23
CM2 ML3 A 36 28.53 38.12 23.15
CM3 ML3 A 36 28.66 36.69 21.22
C ML3 A 36 30.76 30.82 25.00
O ML3 A 36 31.58 30.67 24.09
N LYS A 37 29.73 30.02 25.15
CA LYS A 37 29.47 28.91 24.25
C LYS A 37 27.97 28.63 24.24
N PRO A 38 27.40 28.53 23.04
CA PRO A 38 25.93 28.53 22.92
C PRO A 38 25.29 27.25 23.42
N HIS A 39 23.96 27.23 23.35
CA HIS A 39 23.14 26.13 23.84
C HIS A 39 22.79 25.13 22.75
N ARG A 40 23.67 24.96 21.76
CA ARG A 40 23.44 24.02 20.68
C ARG A 40 23.41 22.58 21.20
N TYR A 41 22.33 21.87 20.87
CA TYR A 41 22.20 20.48 21.30
C TYR A 41 23.11 19.58 20.47
N ARG A 42 23.29 18.35 20.93
CA ARG A 42 23.95 17.36 20.12
C ARG A 42 23.09 17.03 18.90
N PRO A 43 23.69 16.74 17.76
CA PRO A 43 22.89 16.35 16.59
C PRO A 43 22.15 15.04 16.85
N GLY A 44 20.82 15.14 16.91
CA GLY A 44 20.02 13.99 17.26
C GLY A 44 19.00 14.27 18.34
N THR A 45 19.33 15.14 19.30
CA THR A 45 18.37 15.49 20.32
C THR A 45 17.22 16.31 19.74
N VAL A 46 17.55 17.33 18.95
CA VAL A 46 16.53 18.10 18.25
C VAL A 46 15.76 17.20 17.30
N ALA A 47 16.49 16.26 16.67
CA ALA A 47 15.88 15.26 15.81
C ALA A 47 14.78 14.49 16.52
N LEU A 48 15.14 13.75 17.56
CA LEU A 48 14.16 12.92 18.28
C LEU A 48 13.07 13.76 18.92
N ARG A 49 13.40 14.99 19.32
CA ARG A 49 12.39 15.87 19.89
C ARG A 49 11.31 16.19 18.87
N GLU A 50 11.70 16.53 17.64
CA GLU A 50 10.67 16.82 16.64
C GLU A 50 10.05 15.53 16.11
N ILE A 51 10.72 14.39 16.30
CA ILE A 51 10.06 13.11 15.98
C ILE A 51 8.88 12.88 16.90
N ARG A 52 9.09 13.04 18.22
CA ARG A 52 7.98 12.95 19.17
C ARG A 52 6.94 14.04 18.93
N ARG A 53 7.39 15.21 18.46
CA ARG A 53 6.46 16.28 18.13
C ARG A 53 5.55 15.90 16.95
N TYR A 54 6.14 15.32 15.90
CA TYR A 54 5.43 15.07 14.66
C TYR A 54 4.66 13.77 14.66
N GLN A 55 5.04 12.80 15.49
CA GLN A 55 4.29 11.55 15.59
C GLN A 55 3.07 11.69 16.48
N LYS A 56 2.89 12.84 17.11
CA LYS A 56 1.63 13.19 17.76
C LYS A 56 0.79 14.15 16.91
N SER A 57 1.38 14.80 15.93
CA SER A 57 0.67 15.73 15.05
C SER A 57 -0.20 14.96 14.05
N THR A 58 -1.23 15.64 13.56
CA THR A 58 -2.17 15.06 12.62
C THR A 58 -2.37 15.92 11.37
N GLU A 59 -1.81 17.12 11.34
CA GLU A 59 -2.06 18.02 10.23
C GLU A 59 -1.28 17.61 8.99
N LEU A 60 -1.43 18.43 7.95
CA LEU A 60 -0.74 18.18 6.69
C LEU A 60 0.65 18.79 6.75
N LEU A 61 1.64 18.10 6.18
CA LEU A 61 3.01 18.57 6.28
C LEU A 61 3.55 19.13 4.97
N ILE A 62 2.79 19.03 3.87
CA ILE A 62 3.09 19.74 2.64
C ILE A 62 2.16 20.94 2.59
N ARG A 63 2.69 22.08 2.16
CA ARG A 63 1.87 23.26 1.94
C ARG A 63 0.86 22.98 0.81
N LYS A 64 -0.38 23.46 0.97
CA LYS A 64 -1.45 23.09 0.03
C LYS A 64 -1.17 23.60 -1.37
N LEU A 65 -0.73 24.86 -1.50
CA LEU A 65 -0.58 25.48 -2.81
C LEU A 65 0.47 24.83 -3.71
N PRO A 66 1.70 24.52 -3.27
CA PRO A 66 2.64 23.85 -4.18
C PRO A 66 2.17 22.47 -4.62
N PHE A 67 1.56 21.69 -3.73
CA PHE A 67 1.15 20.35 -4.12
C PHE A 67 -0.08 20.43 -5.03
N GLN A 68 -0.90 21.45 -4.85
CA GLN A 68 -1.98 21.71 -5.80
C GLN A 68 -1.42 22.06 -7.17
N ARG A 69 -0.31 22.81 -7.20
CA ARG A 69 0.36 23.09 -8.46
C ARG A 69 0.90 21.80 -9.10
N LEU A 70 1.41 20.89 -8.27
CA LEU A 70 1.79 19.56 -8.76
C LEU A 70 0.62 18.81 -9.37
N VAL A 71 -0.52 18.79 -8.67
CA VAL A 71 -1.69 18.07 -9.17
C VAL A 71 -2.17 18.68 -10.47
N ARG A 72 -2.16 20.00 -10.57
CA ARG A 72 -2.63 20.64 -11.79
C ARG A 72 -1.64 20.53 -12.95
N GLU A 73 -0.33 20.49 -12.69
CA GLU A 73 0.62 20.30 -13.78
C GLU A 73 0.71 18.85 -14.24
N ILE A 74 0.48 17.89 -13.34
CA ILE A 74 0.48 16.50 -13.76
C ILE A 74 -0.76 16.20 -14.59
N ALA A 75 -1.90 16.76 -14.19
CA ALA A 75 -3.12 16.60 -14.96
C ALA A 75 -3.20 17.60 -16.11
N GLN A 76 -2.15 17.68 -16.92
CA GLN A 76 -2.14 18.48 -18.14
C GLN A 76 -2.08 17.65 -19.39
N ASP A 77 -1.09 16.76 -19.52
CA ASP A 77 -0.97 15.91 -20.69
C ASP A 77 -2.03 14.82 -20.74
N PHE A 78 -2.66 14.49 -19.61
CA PHE A 78 -3.77 13.55 -19.64
C PHE A 78 -4.99 14.21 -20.31
N LYS A 79 -5.31 15.43 -19.88
CA LYS A 79 -6.35 16.23 -20.49
C LYS A 79 -6.12 17.66 -20.03
N THR A 80 -6.43 18.63 -20.90
CA THR A 80 -6.28 20.03 -20.54
C THR A 80 -7.45 20.48 -19.66
N ASP A 81 -7.33 21.72 -19.17
CA ASP A 81 -8.34 22.52 -18.45
C ASP A 81 -9.25 21.73 -17.51
N LEU A 82 -8.66 20.87 -16.68
CA LEU A 82 -9.43 20.20 -15.65
C LEU A 82 -9.79 21.18 -14.53
N ARG A 83 -10.79 20.80 -13.76
CA ARG A 83 -11.08 21.42 -12.49
C ARG A 83 -11.04 20.36 -11.40
N PHE A 84 -10.63 20.78 -10.21
CA PHE A 84 -10.45 19.88 -9.08
C PHE A 84 -11.18 20.43 -7.88
N GLN A 85 -11.90 19.57 -7.18
CA GLN A 85 -12.55 19.99 -5.95
C GLN A 85 -11.50 20.30 -4.89
N SER A 86 -11.82 21.28 -4.03
CA SER A 86 -10.93 21.62 -2.92
C SER A 86 -10.78 20.46 -1.95
N SER A 87 -11.82 19.64 -1.81
CA SER A 87 -11.69 18.38 -1.08
C SER A 87 -10.86 17.35 -1.85
N ALA A 88 -10.93 17.35 -3.18
CA ALA A 88 -10.19 16.38 -3.98
C ALA A 88 -8.68 16.56 -3.84
N VAL A 89 -8.21 17.80 -3.98
CA VAL A 89 -6.78 18.05 -3.92
C VAL A 89 -6.24 17.73 -2.53
N MET A 90 -7.01 18.01 -1.47
CA MET A 90 -6.53 17.69 -0.12
C MET A 90 -6.64 16.21 0.19
N ALA A 91 -7.57 15.51 -0.46
CA ALA A 91 -7.54 14.06 -0.42
C ALA A 91 -6.26 13.50 -1.03
N LEU A 92 -5.84 14.08 -2.17
CA LEU A 92 -4.55 13.72 -2.76
C LEU A 92 -3.39 14.01 -1.80
N GLN A 93 -3.39 15.20 -1.20
CA GLN A 93 -2.45 15.61 -0.16
C GLN A 93 -2.30 14.57 0.95
N GLU A 94 -3.39 14.21 1.61
CA GLU A 94 -3.27 13.36 2.78
C GLU A 94 -3.01 11.90 2.39
N ALA A 95 -3.55 11.46 1.25
CA ALA A 95 -3.23 10.12 0.74
C ALA A 95 -1.75 9.98 0.39
N SER A 96 -1.18 10.99 -0.27
CA SER A 96 0.23 10.97 -0.60
C SER A 96 1.09 10.99 0.66
N GLU A 97 0.69 11.76 1.68
CA GLU A 97 1.42 11.68 2.94
C GLU A 97 1.34 10.29 3.57
N ALA A 98 0.18 9.64 3.53
CA ALA A 98 0.07 8.30 4.10
C ALA A 98 0.97 7.31 3.38
N TYR A 99 0.99 7.36 2.04
CA TYR A 99 1.86 6.48 1.26
C TYR A 99 3.32 6.75 1.60
N LEU A 100 3.71 8.03 1.67
CA LEU A 100 5.10 8.36 1.90
C LEU A 100 5.56 8.01 3.31
N VAL A 101 4.71 8.23 4.33
CA VAL A 101 5.13 7.89 5.68
C VAL A 101 5.22 6.38 5.86
N ALA A 102 4.29 5.63 5.25
CA ALA A 102 4.37 4.17 5.30
C ALA A 102 5.60 3.64 4.56
N LEU A 103 5.98 4.29 3.47
CA LEU A 103 7.27 4.00 2.84
C LEU A 103 8.42 4.37 3.78
N PHE A 104 8.22 5.36 4.63
CA PHE A 104 9.34 5.83 5.44
C PHE A 104 9.63 4.96 6.66
N GLU A 105 8.63 4.30 7.27
CA GLU A 105 9.05 3.39 8.34
C GLU A 105 9.83 2.19 7.80
N ASP A 106 9.43 1.61 6.67
CA ASP A 106 10.21 0.48 6.20
C ASP A 106 11.49 0.93 5.50
N THR A 107 11.56 2.20 5.07
CA THR A 107 12.85 2.78 4.71
C THR A 107 13.78 2.86 5.92
N ASN A 108 13.24 3.27 7.07
CA ASN A 108 14.01 3.27 8.30
C ASN A 108 14.48 1.87 8.67
N LEU A 109 13.61 0.88 8.52
CA LEU A 109 14.00 -0.51 8.77
C LEU A 109 15.08 -0.97 7.81
N ALA A 110 15.01 -0.57 6.54
CA ALA A 110 16.04 -0.93 5.57
C ALA A 110 17.36 -0.25 5.87
N ALA A 111 17.31 0.97 6.42
CA ALA A 111 18.55 1.64 6.81
C ALA A 111 19.17 0.99 8.04
N ILE A 112 18.35 0.62 9.02
CA ILE A 112 18.83 -0.12 10.20
C ILE A 112 19.35 -1.50 9.79
N HIS A 113 18.84 -2.05 8.68
CA HIS A 113 19.27 -3.37 8.22
C HIS A 113 20.75 -3.43 7.93
N ALA A 114 21.32 -2.38 7.33
CA ALA A 114 22.75 -2.27 7.12
C ALA A 114 23.47 -1.66 8.31
N LYS A 115 22.87 -1.70 9.50
CA LYS A 115 23.44 -1.15 10.74
C LYS A 115 23.76 0.33 10.60
N ARG A 116 22.87 1.08 9.96
CA ARG A 116 23.07 2.51 9.73
C ARG A 116 21.87 3.28 10.27
N VAL A 117 22.10 4.54 10.57
CA VAL A 117 21.03 5.46 10.94
C VAL A 117 20.72 6.45 9.81
N THR A 118 21.58 6.55 8.81
CA THR A 118 21.32 7.37 7.64
C THR A 118 20.52 6.54 6.64
N ILE A 119 19.42 7.09 6.14
CA ILE A 119 18.73 6.45 5.02
C ILE A 119 19.39 6.90 3.73
N MET A 120 19.29 6.06 2.70
CA MET A 120 19.95 6.24 1.42
C MET A 120 18.94 6.03 0.31
N PRO A 121 19.23 6.53 -0.90
CA PRO A 121 18.33 6.26 -2.03
C PRO A 121 18.14 4.79 -2.33
N LYS A 122 19.12 3.94 -2.00
CA LYS A 122 18.98 2.50 -2.22
C LYS A 122 17.88 1.91 -1.35
N ASP A 123 17.65 2.49 -0.17
CA ASP A 123 16.66 1.96 0.76
C ASP A 123 15.25 2.01 0.17
N ILE A 124 14.88 3.13 -0.44
CA ILE A 124 13.53 3.25 -0.96
C ILE A 124 13.39 2.53 -2.29
N GLN A 125 14.50 2.41 -3.03
CA GLN A 125 14.50 1.58 -4.23
C GLN A 125 14.23 0.13 -3.87
N LEU A 126 14.86 -0.36 -2.80
CA LEU A 126 14.59 -1.71 -2.32
C LEU A 126 13.18 -1.83 -1.79
N ALA A 127 12.69 -0.79 -1.10
CA ALA A 127 11.32 -0.84 -0.59
C ALA A 127 10.30 -0.97 -1.71
N ARG A 128 10.42 -0.13 -2.74
CA ARG A 128 9.52 -0.23 -3.88
C ARG A 128 9.75 -1.50 -4.68
N ARG A 129 10.96 -2.04 -4.63
CA ARG A 129 11.23 -3.32 -5.27
C ARG A 129 10.48 -4.46 -4.59
N ILE A 130 10.47 -4.45 -3.25
CA ILE A 130 9.96 -5.62 -2.53
C ILE A 130 8.44 -5.48 -2.36
N ARG A 131 7.92 -4.25 -2.43
CA ARG A 131 6.47 -4.11 -2.59
C ARG A 131 6.00 -4.62 -3.93
N GLY A 132 6.80 -4.43 -4.98
CA GLY A 132 6.43 -4.89 -6.31
C GLY A 132 5.84 -3.82 -7.20
N GLU A 133 6.37 -2.60 -7.14
CA GLU A 133 6.01 -1.58 -8.11
C GLU A 133 7.21 -1.03 -8.85
N ARG A 134 8.39 -1.60 -8.67
CA ARG A 134 9.60 -1.11 -9.31
C ARG A 134 9.68 -1.55 -10.77
N VAL B 21 -0.06 27.90 -19.34
CA VAL B 21 0.43 26.58 -18.98
C VAL B 21 1.46 26.69 -17.85
N LEU B 22 1.14 26.10 -16.70
CA LEU B 22 2.05 26.10 -15.58
C LEU B 22 3.22 25.14 -15.86
N ARG B 23 4.41 25.53 -15.42
CA ARG B 23 5.63 24.80 -15.73
C ARG B 23 6.65 25.02 -14.62
N ASP B 24 7.48 23.99 -14.39
CA ASP B 24 8.56 24.01 -13.41
C ASP B 24 8.04 24.25 -11.99
N ASN B 25 7.07 23.43 -11.59
CA ASN B 25 6.61 23.39 -10.21
C ASN B 25 6.99 22.09 -9.51
N ILE B 26 7.73 21.21 -10.19
CA ILE B 26 8.12 19.93 -9.62
C ILE B 26 9.02 20.12 -8.39
N GLN B 27 9.78 21.22 -8.35
CA GLN B 27 10.53 21.58 -7.16
C GLN B 27 9.64 22.12 -6.05
N GLY B 28 8.33 22.24 -6.30
CA GLY B 28 7.42 22.76 -5.29
C GLY B 28 7.28 21.88 -4.07
N ILE B 29 7.58 20.58 -4.21
CA ILE B 29 7.68 19.74 -3.02
C ILE B 29 9.00 20.16 -2.38
N THR B 30 8.94 21.06 -1.42
CA THR B 30 10.15 21.71 -0.97
C THR B 30 10.97 20.78 -0.07
N LYS B 31 12.26 21.12 0.05
CA LYS B 31 13.21 20.31 0.81
C LYS B 31 12.79 20.10 2.27
N PRO B 32 12.43 21.13 3.06
CA PRO B 32 11.96 20.84 4.43
C PRO B 32 10.69 20.03 4.51
N ALA B 33 9.82 20.09 3.49
CA ALA B 33 8.60 19.28 3.53
C ALA B 33 8.92 17.79 3.37
N ILE B 34 9.86 17.48 2.48
CA ILE B 34 10.34 16.10 2.35
C ILE B 34 10.99 15.66 3.64
N ARG B 35 11.76 16.57 4.28
CA ARG B 35 12.27 16.28 5.61
C ARG B 35 11.16 15.97 6.59
N ARG B 36 10.12 16.81 6.65
CA ARG B 36 9.04 16.65 7.62
C ARG B 36 8.30 15.33 7.42
N LEU B 37 8.05 14.97 6.16
CA LEU B 37 7.47 13.65 5.85
C LEU B 37 8.36 12.53 6.34
N ALA B 38 9.68 12.69 6.20
CA ALA B 38 10.59 11.69 6.73
C ALA B 38 10.52 11.62 8.26
N ARG B 39 10.38 12.77 8.91
CA ARG B 39 10.48 12.80 10.36
C ARG B 39 9.19 12.30 11.00
N ARG B 40 8.09 12.32 10.25
CA ARG B 40 6.92 11.58 10.72
C ARG B 40 7.17 10.08 10.67
N GLY B 41 7.94 9.62 9.68
CA GLY B 41 8.26 8.21 9.55
C GLY B 41 9.19 7.66 10.61
N GLY B 42 9.88 8.52 11.35
CA GLY B 42 10.75 8.07 12.43
C GLY B 42 12.21 7.94 12.09
N VAL B 43 12.65 8.47 10.95
CA VAL B 43 14.06 8.39 10.58
C VAL B 43 14.81 9.51 11.31
N LYS B 44 16.13 9.36 11.39
CA LYS B 44 16.96 10.39 12.03
C LYS B 44 17.70 11.26 11.05
N ARG B 45 18.49 10.67 10.15
CA ARG B 45 19.44 11.40 9.33
C ARG B 45 19.13 11.13 7.86
N ILE B 46 19.14 12.20 7.06
CA ILE B 46 18.65 12.18 5.70
C ILE B 46 19.81 12.34 4.75
N SER B 47 19.87 11.51 3.71
CA SER B 47 20.89 11.70 2.69
C SER B 47 20.52 12.88 1.79
N GLY B 48 21.52 13.43 1.11
CA GLY B 48 21.34 14.66 0.36
C GLY B 48 20.60 14.48 -0.95
N LEU B 49 20.85 13.37 -1.64
CA LEU B 49 20.21 13.13 -2.92
C LEU B 49 18.86 12.44 -2.79
N ILE B 50 18.34 12.32 -1.56
CA ILE B 50 16.99 11.80 -1.34
C ILE B 50 15.94 12.67 -2.03
N TYR B 51 16.10 13.99 -1.97
CA TYR B 51 15.01 14.91 -2.21
C TYR B 51 14.50 14.87 -3.65
N GLU B 52 15.41 14.96 -4.63
CA GLU B 52 14.98 15.05 -6.01
C GLU B 52 14.41 13.72 -6.52
N GLU B 53 14.98 12.60 -6.09
CA GLU B 53 14.47 11.32 -6.58
C GLU B 53 13.21 10.91 -5.82
N THR B 54 13.04 11.37 -4.58
CA THR B 54 11.75 11.19 -3.92
C THR B 54 10.70 12.10 -4.55
N ARG B 55 11.10 13.27 -5.04
CA ARG B 55 10.18 14.07 -5.84
C ARG B 55 9.77 13.31 -7.09
N GLY B 56 10.71 12.58 -7.70
CA GLY B 56 10.36 11.69 -8.79
C GLY B 56 9.42 10.57 -8.38
N VAL B 57 9.59 10.06 -7.16
CA VAL B 57 8.71 9.02 -6.62
C VAL B 57 7.29 9.56 -6.46
N LEU B 58 7.16 10.76 -5.90
CA LEU B 58 5.88 11.45 -5.89
C LEU B 58 5.35 11.66 -7.31
N LYS B 59 6.24 11.98 -8.25
CA LYS B 59 5.79 12.22 -9.61
C LYS B 59 5.16 10.97 -10.22
N VAL B 60 5.79 9.80 -10.02
CA VAL B 60 5.27 8.59 -10.63
C VAL B 60 4.00 8.11 -9.92
N PHE B 61 3.95 8.25 -8.58
CA PHE B 61 2.77 7.85 -7.83
C PHE B 61 1.59 8.76 -8.16
N LEU B 62 1.83 10.07 -8.16
CA LEU B 62 0.78 11.01 -8.52
C LEU B 62 0.35 10.86 -9.97
N GLU B 63 1.25 10.50 -10.89
CA GLU B 63 0.80 10.40 -12.27
C GLU B 63 -0.09 9.19 -12.47
N ASN B 64 0.22 8.03 -11.87
CA ASN B 64 -0.69 6.90 -12.12
C ASN B 64 -2.00 7.09 -11.34
N VAL B 65 -1.95 7.71 -10.15
CA VAL B 65 -3.19 8.02 -9.42
C VAL B 65 -4.06 8.97 -10.23
N ILE B 66 -3.46 10.05 -10.75
CA ILE B 66 -4.21 11.04 -11.49
C ILE B 66 -4.68 10.48 -12.81
N ARG B 67 -3.95 9.52 -13.41
CA ARG B 67 -4.45 8.85 -14.60
C ARG B 67 -5.72 8.06 -14.32
N ASP B 68 -5.72 7.28 -13.24
CA ASP B 68 -6.95 6.56 -12.90
C ASP B 68 -8.08 7.53 -12.55
N ALA B 69 -7.75 8.63 -11.87
CA ALA B 69 -8.76 9.62 -11.50
C ALA B 69 -9.34 10.34 -12.71
N VAL B 70 -8.51 10.68 -13.70
CA VAL B 70 -9.02 11.41 -14.85
C VAL B 70 -9.76 10.45 -15.78
N THR B 71 -9.41 9.16 -15.73
CA THR B 71 -10.18 8.18 -16.50
C THR B 71 -11.59 8.03 -15.93
N TYR B 72 -11.69 7.91 -14.60
CA TYR B 72 -12.99 7.95 -13.95
C TYR B 72 -13.72 9.25 -14.20
N THR B 73 -12.98 10.37 -14.26
CA THR B 73 -13.58 11.67 -14.51
C THR B 73 -14.25 11.73 -15.88
N GLU B 74 -13.49 11.38 -16.93
CA GLU B 74 -14.03 11.56 -18.27
C GLU B 74 -15.03 10.48 -18.63
N HIS B 75 -15.04 9.35 -17.92
CA HIS B 75 -16.17 8.45 -18.12
C HIS B 75 -17.51 9.07 -17.75
N ALA B 76 -17.56 9.87 -16.68
CA ALA B 76 -18.81 10.48 -16.26
C ALA B 76 -19.14 11.76 -17.03
N LYS B 77 -18.56 11.94 -18.22
CA LYS B 77 -18.74 13.10 -19.09
C LYS B 77 -18.32 14.38 -18.37
N ARG B 78 -17.42 14.26 -17.39
CA ARG B 78 -17.17 15.35 -16.48
C ARG B 78 -15.91 16.10 -16.86
N LYS B 79 -15.91 17.40 -16.57
CA LYS B 79 -14.73 18.23 -16.71
C LYS B 79 -14.12 18.61 -15.36
N THR B 80 -14.72 18.16 -14.26
CA THR B 80 -14.22 18.43 -12.92
C THR B 80 -13.83 17.12 -12.26
N VAL B 81 -12.62 17.07 -11.72
CA VAL B 81 -12.15 15.88 -11.00
C VAL B 81 -12.73 15.92 -9.59
N THR B 82 -13.48 14.89 -9.24
CA THR B 82 -14.14 14.83 -7.94
C THR B 82 -13.27 14.07 -6.94
N ALA B 83 -13.40 14.44 -5.66
CA ALA B 83 -12.79 13.67 -4.58
C ALA B 83 -13.32 12.24 -4.54
N MET B 84 -14.58 12.07 -4.97
CA MET B 84 -15.18 10.76 -5.08
C MET B 84 -14.35 9.88 -6.00
N ASP B 85 -14.03 10.39 -7.20
CA ASP B 85 -13.20 9.65 -8.15
C ASP B 85 -11.79 9.43 -7.62
N VAL B 86 -11.28 10.34 -6.78
CA VAL B 86 -9.98 10.14 -6.18
C VAL B 86 -9.97 8.90 -5.28
N VAL B 87 -10.91 8.83 -4.34
CA VAL B 87 -10.92 7.68 -3.42
C VAL B 87 -11.34 6.42 -4.16
N TYR B 88 -12.10 6.57 -5.24
CA TYR B 88 -12.45 5.50 -6.16
C TYR B 88 -11.20 4.86 -6.77
N ALA B 89 -10.32 5.70 -7.33
CA ALA B 89 -9.09 5.23 -7.93
C ALA B 89 -8.14 4.65 -6.90
N LEU B 90 -8.11 5.22 -5.70
CA LEU B 90 -7.29 4.65 -4.63
C LEU B 90 -7.79 3.28 -4.21
N LYS B 91 -9.11 3.10 -4.20
CA LYS B 91 -9.68 1.77 -3.97
C LYS B 91 -9.24 0.80 -5.05
N ARG B 92 -9.09 1.28 -6.30
CA ARG B 92 -8.62 0.41 -7.36
C ARG B 92 -7.20 -0.10 -7.12
N GLN B 93 -6.24 0.79 -6.84
CA GLN B 93 -4.84 0.42 -7.00
C GLN B 93 -4.22 -0.22 -5.77
N GLY B 94 -4.98 -0.39 -4.68
CA GLY B 94 -4.38 -0.91 -3.48
C GLY B 94 -3.84 0.11 -2.51
N ARG B 95 -4.17 1.39 -2.67
CA ARG B 95 -3.78 2.44 -1.73
C ARG B 95 -5.01 3.25 -1.29
N THR B 96 -6.05 2.53 -0.87
CA THR B 96 -7.36 3.13 -0.59
C THR B 96 -7.31 4.13 0.58
N LEU B 97 -8.33 4.97 0.66
CA LEU B 97 -8.38 6.08 1.61
C LEU B 97 -9.75 6.12 2.26
N TYR B 98 -9.82 6.56 3.51
CA TYR B 98 -11.06 6.63 4.26
C TYR B 98 -11.40 8.07 4.62
N GLY B 99 -12.68 8.32 4.87
CA GLY B 99 -13.17 9.63 5.28
C GLY B 99 -13.69 10.51 4.16
N PHE B 100 -13.87 10.00 2.95
CA PHE B 100 -14.33 10.81 1.84
C PHE B 100 -15.41 10.11 1.05
N GLY B 101 -16.23 9.30 1.72
CA GLY B 101 -17.25 8.55 1.04
C GLY B 101 -16.77 7.15 0.68
N GLY B 102 -17.72 6.23 0.63
CA GLY B 102 -17.43 4.85 0.27
C GLY B 102 -17.80 4.55 -1.17
N ARG C 11 -36.77 -17.53 -41.71
CA ARG C 11 -35.63 -17.52 -40.80
C ARG C 11 -34.32 -17.54 -41.59
N ALA C 12 -33.48 -16.54 -41.35
CA ALA C 12 -32.21 -16.44 -42.06
C ALA C 12 -31.21 -17.47 -41.53
N LYS C 13 -30.14 -17.66 -42.28
CA LYS C 13 -29.07 -18.58 -41.89
C LYS C 13 -28.37 -18.08 -40.63
N ALA C 14 -28.15 -19.00 -39.69
CA ALA C 14 -27.54 -18.64 -38.42
C ALA C 14 -26.06 -18.30 -38.62
N LYS C 15 -25.70 -17.06 -38.33
CA LYS C 15 -24.33 -16.58 -38.40
C LYS C 15 -23.87 -16.22 -37.00
N THR C 16 -22.67 -16.68 -36.63
CA THR C 16 -22.14 -16.39 -35.31
C THR C 16 -21.79 -14.92 -35.16
N ARG C 17 -21.94 -14.42 -33.93
CA ARG C 17 -21.65 -13.01 -33.67
C ARG C 17 -20.16 -12.71 -33.80
N SER C 18 -19.31 -13.71 -33.51
CA SER C 18 -17.87 -13.52 -33.65
C SER C 18 -17.47 -13.33 -35.11
N SER C 19 -18.04 -14.14 -36.01
CA SER C 19 -17.77 -13.96 -37.43
C SER C 19 -18.39 -12.68 -37.95
N ARG C 20 -19.52 -12.27 -37.36
CA ARG C 20 -20.13 -10.99 -37.72
C ARG C 20 -19.24 -9.83 -37.34
N ALA C 21 -18.57 -9.93 -36.19
CA ALA C 21 -17.66 -8.88 -35.74
C ALA C 21 -16.21 -9.16 -36.14
N GLY C 22 -15.95 -10.22 -36.89
CA GLY C 22 -14.59 -10.56 -37.25
C GLY C 22 -13.71 -10.97 -36.10
N LEU C 23 -14.24 -11.79 -35.18
CA LEU C 23 -13.49 -12.27 -34.04
C LEU C 23 -13.56 -13.79 -33.98
N GLN C 24 -12.76 -14.37 -33.08
CA GLN C 24 -12.74 -15.81 -32.91
C GLN C 24 -13.21 -16.26 -31.54
N PHE C 25 -13.04 -15.44 -30.50
CA PHE C 25 -13.67 -15.78 -29.24
C PHE C 25 -15.19 -15.62 -29.35
N PRO C 26 -15.94 -16.55 -28.76
CA PRO C 26 -17.40 -16.58 -28.95
C PRO C 26 -18.09 -15.46 -28.22
N VAL C 27 -18.71 -14.55 -28.97
CA VAL C 27 -19.39 -13.41 -28.40
C VAL C 27 -20.65 -13.84 -27.65
N GLY C 28 -21.39 -14.79 -28.21
CA GLY C 28 -22.57 -15.29 -27.53
C GLY C 28 -22.26 -15.98 -26.22
N ARG C 29 -21.16 -16.75 -26.20
CA ARG C 29 -20.75 -17.41 -24.97
C ARG C 29 -20.32 -16.42 -23.89
N VAL C 30 -19.55 -15.40 -24.26
CA VAL C 30 -19.09 -14.46 -23.25
C VAL C 30 -20.24 -13.55 -22.82
N HIS C 31 -21.22 -13.35 -23.69
CA HIS C 31 -22.45 -12.68 -23.29
C HIS C 31 -23.23 -13.51 -22.28
N ARG C 32 -23.29 -14.83 -22.50
CA ARG C 32 -23.92 -15.72 -21.54
C ARG C 32 -23.16 -15.73 -20.22
N LEU C 33 -21.84 -15.65 -20.27
CA LEU C 33 -21.06 -15.56 -19.04
C LEU C 33 -21.28 -14.23 -18.33
N LEU C 34 -21.50 -13.15 -19.09
CA LEU C 34 -21.84 -11.88 -18.49
C LEU C 34 -23.20 -11.93 -17.80
N ARG C 35 -24.18 -12.57 -18.44
CA ARG C 35 -25.51 -12.61 -17.87
C ARG C 35 -25.59 -13.58 -16.69
N LYS C 36 -25.17 -14.82 -16.89
CA LYS C 36 -25.21 -15.85 -15.86
C LYS C 36 -24.13 -15.68 -14.80
N GLY C 37 -23.09 -14.88 -15.07
CA GLY C 37 -22.10 -14.59 -14.05
C GLY C 37 -22.56 -13.57 -13.04
N ASN C 38 -23.75 -13.00 -13.25
CA ASN C 38 -24.45 -12.12 -12.31
C ASN C 38 -23.57 -10.90 -12.07
N TYR C 39 -23.45 -10.08 -13.12
CA TYR C 39 -22.82 -8.76 -13.01
C TYR C 39 -23.82 -7.63 -13.10
N ALA C 40 -24.90 -7.81 -13.88
CA ALA C 40 -26.08 -6.94 -13.81
C ALA C 40 -27.26 -7.65 -14.44
N GLU C 41 -28.42 -6.99 -14.35
CA GLU C 41 -29.62 -7.46 -15.02
C GLU C 41 -29.61 -7.11 -16.50
N ARG C 42 -28.82 -6.12 -16.91
CA ARG C 42 -28.79 -5.70 -18.32
C ARG C 42 -27.36 -5.55 -18.81
N VAL C 43 -27.12 -6.09 -20.00
CA VAL C 43 -25.82 -6.04 -20.68
C VAL C 43 -26.05 -5.59 -22.12
N GLY C 44 -25.28 -4.60 -22.55
CA GLY C 44 -25.41 -4.07 -23.90
C GLY C 44 -24.95 -5.06 -24.95
N ALA C 45 -25.32 -4.76 -26.20
CA ALA C 45 -25.05 -5.66 -27.31
C ALA C 45 -23.58 -5.68 -27.70
N GLY C 46 -22.95 -4.51 -27.83
CA GLY C 46 -21.56 -4.42 -28.23
C GLY C 46 -20.56 -4.68 -27.14
N ALA C 47 -21.03 -4.78 -25.88
CA ALA C 47 -20.12 -5.04 -24.78
C ALA C 47 -19.45 -6.41 -24.87
N PRO C 48 -20.15 -7.53 -25.12
CA PRO C 48 -19.42 -8.78 -25.32
C PRO C 48 -18.55 -8.78 -26.56
N VAL C 49 -18.91 -8.02 -27.60
CA VAL C 49 -18.06 -7.91 -28.78
C VAL C 49 -16.72 -7.28 -28.42
N TYR C 50 -16.76 -6.14 -27.73
CA TYR C 50 -15.55 -5.45 -27.32
C TYR C 50 -14.75 -6.28 -26.32
N LEU C 51 -15.45 -6.94 -25.40
CA LEU C 51 -14.81 -7.80 -24.41
C LEU C 51 -14.08 -8.96 -25.07
N ALA C 52 -14.73 -9.62 -26.03
CA ALA C 52 -14.09 -10.67 -26.79
C ALA C 52 -12.89 -10.14 -27.54
N ALA C 53 -12.98 -8.93 -28.11
CA ALA C 53 -11.88 -8.36 -28.87
C ALA C 53 -10.65 -8.09 -28.00
N VAL C 54 -10.86 -7.54 -26.80
CA VAL C 54 -9.70 -7.27 -25.95
C VAL C 54 -9.11 -8.57 -25.40
N LEU C 55 -9.96 -9.59 -25.18
CA LEU C 55 -9.42 -10.90 -24.85
C LEU C 55 -8.59 -11.47 -25.99
N GLU C 56 -9.07 -11.29 -27.24
CA GLU C 56 -8.28 -11.66 -28.41
C GLU C 56 -6.94 -10.95 -28.44
N TYR C 57 -6.92 -9.68 -28.07
CA TYR C 57 -5.67 -8.93 -28.15
C TYR C 57 -4.67 -9.44 -27.13
N LEU C 58 -5.13 -9.63 -25.89
CA LEU C 58 -4.26 -10.15 -24.85
C LEU C 58 -3.72 -11.53 -25.20
N THR C 59 -4.60 -12.40 -25.72
CA THR C 59 -4.15 -13.73 -26.13
C THR C 59 -3.19 -13.64 -27.31
N ALA C 60 -3.41 -12.69 -28.23
CA ALA C 60 -2.53 -12.56 -29.39
C ALA C 60 -1.11 -12.21 -28.97
N GLU C 61 -0.95 -11.23 -28.08
CA GLU C 61 0.40 -10.89 -27.62
C GLU C 61 1.02 -11.99 -26.78
N ILE C 62 0.26 -12.61 -25.86
CA ILE C 62 0.89 -13.62 -25.01
C ILE C 62 1.22 -14.88 -25.83
N LEU C 63 0.41 -15.19 -26.86
CA LEU C 63 0.73 -16.33 -27.70
C LEU C 63 1.91 -16.06 -28.62
N GLU C 64 2.05 -14.85 -29.17
CA GLU C 64 3.20 -14.61 -30.04
C GLU C 64 4.48 -14.55 -29.23
N LEU C 65 4.40 -14.02 -28.00
CA LEU C 65 5.57 -14.06 -27.13
C LEU C 65 5.92 -15.48 -26.70
N ALA C 66 4.92 -16.32 -26.45
CA ALA C 66 5.20 -17.73 -26.18
C ALA C 66 5.81 -18.41 -27.39
N GLY C 67 5.38 -18.01 -28.59
CA GLY C 67 5.95 -18.57 -29.80
C GLY C 67 7.42 -18.19 -29.98
N ASN C 68 7.76 -16.92 -29.69
CA ASN C 68 9.16 -16.53 -29.72
C ASN C 68 9.97 -17.26 -28.66
N ALA C 69 9.37 -17.46 -27.48
CA ALA C 69 10.02 -18.23 -26.42
C ALA C 69 10.24 -19.68 -26.84
N ALA C 70 9.33 -20.23 -27.63
CA ALA C 70 9.55 -21.57 -28.18
C ALA C 70 10.63 -21.53 -29.27
N ARG C 71 10.67 -20.45 -30.05
CA ARG C 71 11.57 -20.40 -31.20
C ARG C 71 13.04 -20.29 -30.77
N ASP C 72 13.36 -19.43 -29.79
CA ASP C 72 14.76 -19.31 -29.40
C ASP C 72 15.20 -20.50 -28.55
N ASN C 73 14.25 -21.26 -28.03
CA ASN C 73 14.51 -22.50 -27.31
C ASN C 73 14.52 -23.70 -28.24
N LYS C 74 14.41 -23.47 -29.55
CA LYS C 74 14.40 -24.52 -30.58
C LYS C 74 13.27 -25.52 -30.35
N LYS C 75 12.10 -25.00 -29.99
CA LYS C 75 10.94 -25.84 -29.68
C LYS C 75 9.75 -25.42 -30.54
N THR C 76 8.83 -26.35 -30.72
CA THR C 76 7.63 -26.12 -31.52
C THR C 76 6.34 -26.25 -30.73
N ARG C 77 6.39 -26.75 -29.50
CA ARG C 77 5.22 -26.83 -28.63
C ARG C 77 5.38 -25.90 -27.45
N ILE C 78 4.29 -25.25 -27.06
CA ILE C 78 4.32 -24.26 -25.99
C ILE C 78 4.28 -24.99 -24.65
N ILE C 79 5.27 -24.72 -23.80
CA ILE C 79 5.38 -25.32 -22.49
C ILE C 79 5.10 -24.18 -21.50
N PRO C 80 4.62 -24.45 -20.28
CA PRO C 80 4.49 -23.36 -19.29
C PRO C 80 5.78 -22.60 -19.00
N ARG C 81 6.94 -23.21 -19.20
CA ARG C 81 8.19 -22.45 -19.10
C ARG C 81 8.26 -21.37 -20.16
N HIS C 82 7.81 -21.67 -21.39
CA HIS C 82 7.76 -20.65 -22.43
C HIS C 82 6.81 -19.53 -22.04
N LEU C 83 5.67 -19.87 -21.43
CA LEU C 83 4.72 -18.86 -21.00
C LEU C 83 5.31 -17.97 -19.91
N GLN C 84 6.00 -18.57 -18.94
CA GLN C 84 6.61 -17.81 -17.87
C GLN C 84 7.70 -16.89 -18.39
N LEU C 85 8.54 -17.39 -19.30
CA LEU C 85 9.58 -16.55 -19.89
C LEU C 85 8.96 -15.41 -20.71
N ALA C 86 7.87 -15.70 -21.43
CA ALA C 86 7.21 -14.69 -22.23
C ALA C 86 6.60 -13.59 -21.37
N VAL C 87 6.01 -13.97 -20.23
CA VAL C 87 5.32 -12.98 -19.41
C VAL C 87 6.30 -12.22 -18.52
N ARG C 88 7.41 -12.86 -18.14
CA ARG C 88 8.40 -12.17 -17.31
C ARG C 88 9.35 -11.32 -18.14
N ASN C 89 9.48 -11.58 -19.44
CA ASN C 89 10.31 -10.72 -20.27
C ASN C 89 9.66 -9.39 -20.59
N ASP C 90 8.33 -9.29 -20.52
CA ASP C 90 7.63 -8.04 -20.78
C ASP C 90 7.15 -7.40 -19.49
N GLU C 91 7.55 -6.14 -19.28
CA GLU C 91 7.31 -5.48 -17.99
C GLU C 91 5.83 -5.09 -17.84
N GLU C 92 5.14 -4.88 -18.96
CA GLU C 92 3.74 -4.50 -18.90
C GLU C 92 2.87 -5.69 -18.53
N LEU C 93 3.10 -6.82 -19.19
CA LEU C 93 2.55 -8.08 -18.72
C LEU C 93 3.06 -8.43 -17.32
N ASN C 94 4.25 -7.94 -16.96
CA ASN C 94 4.76 -8.16 -15.61
C ASN C 94 4.00 -7.39 -14.56
N LYS C 95 3.39 -6.24 -14.84
CA LYS C 95 2.54 -5.74 -13.77
C LYS C 95 1.17 -6.39 -13.87
N LEU C 96 0.78 -6.80 -15.09
CA LEU C 96 -0.49 -7.52 -15.23
C LEU C 96 -0.46 -8.86 -14.50
N LEU C 97 0.66 -9.58 -14.54
CA LEU C 97 0.72 -10.95 -14.02
C LEU C 97 1.72 -11.08 -12.88
N GLY C 98 2.12 -9.95 -12.28
CA GLY C 98 3.20 -9.99 -11.31
C GLY C 98 2.85 -10.70 -10.02
N ARG C 99 1.61 -10.55 -9.57
CA ARG C 99 1.20 -11.18 -8.32
C ARG C 99 0.62 -12.57 -8.63
N VAL C 100 0.55 -12.90 -9.92
CA VAL C 100 0.07 -14.18 -10.43
C VAL C 100 1.25 -15.14 -10.53
N THR C 101 1.03 -16.41 -10.19
CA THR C 101 2.04 -17.45 -10.29
C THR C 101 1.67 -18.44 -11.38
N ILE C 102 2.68 -18.91 -12.12
CA ILE C 102 2.48 -19.85 -13.22
C ILE C 102 3.02 -21.22 -12.78
N ALA C 103 2.18 -22.24 -12.89
CA ALA C 103 2.60 -23.60 -12.55
C ALA C 103 3.58 -24.13 -13.58
N GLN C 104 4.63 -24.82 -13.09
CA GLN C 104 5.76 -25.29 -13.89
C GLN C 104 6.37 -24.16 -14.73
N GLY C 105 6.52 -22.99 -14.13
CA GLY C 105 7.02 -21.84 -14.86
C GLY C 105 8.48 -21.53 -14.58
N GLY C 106 8.93 -21.82 -13.37
CA GLY C 106 10.28 -21.43 -13.01
C GLY C 106 10.38 -19.93 -12.83
N VAL C 107 11.61 -19.43 -12.87
CA VAL C 107 11.90 -18.01 -12.73
C VAL C 107 12.77 -17.56 -13.90
N LEU C 108 12.93 -16.25 -14.00
CA LEU C 108 13.88 -15.69 -14.96
C LEU C 108 15.30 -16.00 -14.53
N PRO C 109 16.16 -16.43 -15.43
CA PRO C 109 17.57 -16.62 -15.08
C PRO C 109 18.27 -15.29 -14.93
N ASN C 110 18.53 -14.87 -13.68
CA ASN C 110 19.22 -13.61 -13.45
C ASN C 110 20.20 -13.76 -12.29
N ILE C 111 21.32 -13.05 -12.38
CA ILE C 111 22.36 -13.04 -11.35
C ILE C 111 22.70 -11.59 -11.05
N GLN C 112 22.67 -11.24 -9.77
CA GLN C 112 23.11 -9.91 -9.35
C GLN C 112 24.63 -9.82 -9.42
N SER C 113 25.12 -8.58 -9.49
CA SER C 113 26.47 -8.29 -10.00
C SER C 113 27.59 -8.83 -9.12
N VAL C 114 27.50 -8.67 -7.80
CA VAL C 114 28.67 -9.01 -6.96
C VAL C 114 28.76 -10.52 -6.79
N LEU C 115 27.67 -11.25 -7.08
CA LEU C 115 27.71 -12.69 -7.04
C LEU C 115 28.58 -13.29 -8.14
N LEU C 116 28.88 -12.52 -9.18
CA LEU C 116 29.85 -12.95 -10.17
C LEU C 116 31.24 -13.01 -9.54
N PRO C 117 32.09 -13.93 -9.99
CA PRO C 117 33.49 -13.92 -9.53
C PRO C 117 34.23 -12.73 -10.11
N LYS C 118 35.24 -12.28 -9.37
CA LYS C 118 36.04 -11.12 -9.76
C LYS C 118 37.43 -11.57 -10.14
N LYS C 119 38.22 -10.60 -10.63
CA LYS C 119 39.58 -10.88 -11.11
C LYS C 119 40.61 -10.31 -10.16
N ARG D 26 -22.64 -42.48 -17.49
CA ARG D 26 -23.44 -41.46 -18.16
C ARG D 26 -22.55 -40.62 -19.08
N ARG D 27 -23.16 -39.62 -19.72
CA ARG D 27 -22.44 -38.61 -20.48
C ARG D 27 -22.25 -37.40 -19.59
N LYS D 28 -21.01 -36.99 -19.39
CA LYS D 28 -20.70 -35.95 -18.41
C LYS D 28 -21.16 -34.59 -18.91
N THR D 29 -21.37 -33.67 -17.96
CA THR D 29 -21.82 -32.32 -18.28
C THR D 29 -20.73 -31.56 -19.01
N ARG D 30 -21.13 -30.48 -19.68
CA ARG D 30 -20.19 -29.67 -20.42
C ARG D 30 -19.37 -28.81 -19.47
N LYS D 31 -18.05 -28.80 -19.64
CA LYS D 31 -17.16 -27.91 -18.92
C LYS D 31 -16.81 -26.74 -19.83
N GLU D 32 -16.95 -25.52 -19.30
CA GLU D 32 -16.73 -24.33 -20.09
C GLU D 32 -15.24 -24.10 -20.27
N SER D 33 -14.82 -23.92 -21.52
CA SER D 33 -13.41 -23.68 -21.84
C SER D 33 -13.33 -22.96 -23.17
N TYR D 34 -12.21 -22.25 -23.35
CA TYR D 34 -11.96 -21.48 -24.56
C TYR D 34 -10.93 -22.15 -25.47
N ALA D 35 -10.78 -23.47 -25.37
CA ALA D 35 -9.61 -24.15 -25.92
C ALA D 35 -9.55 -24.06 -27.44
N ILE D 36 -10.67 -24.30 -28.12
CA ILE D 36 -10.65 -24.32 -29.58
C ILE D 36 -10.37 -22.93 -30.14
N TYR D 37 -10.87 -21.89 -29.48
CA TYR D 37 -10.64 -20.52 -29.95
C TYR D 37 -9.20 -20.11 -29.73
N VAL D 38 -8.60 -20.51 -28.60
CA VAL D 38 -7.19 -20.25 -28.36
C VAL D 38 -6.33 -20.98 -29.39
N TYR D 39 -6.71 -22.22 -29.73
CA TYR D 39 -6.03 -22.96 -30.77
C TYR D 39 -6.08 -22.24 -32.11
N LYS D 40 -7.25 -21.74 -32.49
CA LYS D 40 -7.37 -21.16 -33.83
C LYS D 40 -6.76 -19.76 -33.90
N VAL D 41 -6.73 -19.02 -32.79
CA VAL D 41 -6.00 -17.75 -32.82
C VAL D 41 -4.50 -18.00 -32.77
N LEU D 42 -4.08 -19.12 -32.15
CA LEU D 42 -2.69 -19.53 -32.27
C LEU D 42 -2.33 -19.84 -33.72
N LYS D 43 -3.23 -20.53 -34.43
CA LYS D 43 -3.01 -20.78 -35.85
C LYS D 43 -3.01 -19.50 -36.67
N GLN D 44 -3.80 -18.49 -36.27
CA GLN D 44 -3.74 -17.21 -36.95
C GLN D 44 -2.41 -16.50 -36.70
N VAL D 45 -1.87 -16.60 -35.49
CA VAL D 45 -0.60 -15.91 -35.23
C VAL D 45 0.60 -16.80 -35.55
N HIS D 46 0.40 -18.13 -35.56
CA HIS D 46 1.47 -19.08 -35.82
C HIS D 46 0.83 -20.32 -36.44
N PRO D 47 0.82 -20.41 -37.78
CA PRO D 47 0.11 -21.52 -38.43
C PRO D 47 0.74 -22.89 -38.22
N ASP D 48 1.97 -22.96 -37.72
CA ASP D 48 2.69 -24.22 -37.59
C ASP D 48 3.04 -24.59 -36.17
N THR D 49 2.72 -23.76 -35.17
CA THR D 49 3.15 -23.97 -33.81
C THR D 49 2.11 -24.80 -33.04
N GLY D 50 2.59 -25.84 -32.35
CA GLY D 50 1.75 -26.67 -31.53
C GLY D 50 1.53 -26.09 -30.14
N ILE D 51 0.72 -26.81 -29.36
CA ILE D 51 0.32 -26.38 -28.02
C ILE D 51 0.27 -27.61 -27.12
N SER D 52 0.68 -27.44 -25.86
CA SER D 52 0.51 -28.49 -24.88
C SER D 52 -0.75 -28.26 -24.05
N SER D 53 -1.23 -29.32 -23.40
CA SER D 53 -2.50 -29.23 -22.68
C SER D 53 -2.38 -28.44 -21.39
N LYS D 54 -1.28 -28.60 -20.65
CA LYS D 54 -1.12 -27.85 -19.41
C LYS D 54 -0.99 -26.36 -19.68
N ALA D 55 -0.21 -25.98 -20.70
CA ALA D 55 -0.13 -24.59 -21.12
C ALA D 55 -1.49 -24.08 -21.60
N MET D 56 -2.30 -24.96 -22.16
CA MET D 56 -3.60 -24.54 -22.66
C MET D 56 -4.53 -24.27 -21.47
N SER D 57 -4.41 -25.08 -20.42
CA SER D 57 -5.17 -24.83 -19.19
C SER D 57 -4.69 -23.56 -18.49
N ILE D 58 -3.37 -23.29 -18.57
CA ILE D 58 -2.84 -21.99 -18.13
C ILE D 58 -3.54 -20.86 -18.87
N MET D 59 -3.70 -21.02 -20.18
CA MET D 59 -4.29 -19.97 -21.00
C MET D 59 -5.78 -19.78 -20.68
N ASN D 60 -6.47 -20.88 -20.41
CA ASN D 60 -7.88 -20.80 -20.02
C ASN D 60 -8.04 -20.11 -18.67
N SER D 61 -7.18 -20.44 -17.71
CA SER D 61 -7.19 -19.73 -16.43
C SER D 61 -6.86 -18.26 -16.62
N PHE D 62 -5.94 -17.96 -17.55
CA PHE D 62 -5.62 -16.58 -17.91
C PHE D 62 -6.82 -15.82 -18.42
N VAL D 63 -7.52 -16.37 -19.41
CA VAL D 63 -8.61 -15.62 -20.02
C VAL D 63 -9.77 -15.50 -19.05
N ASN D 64 -10.02 -16.53 -18.23
CA ASN D 64 -11.06 -16.43 -17.22
C ASN D 64 -10.72 -15.37 -16.18
N ASP D 65 -9.45 -15.32 -15.75
CA ASP D 65 -9.04 -14.36 -14.73
C ASP D 65 -9.12 -12.94 -15.26
N VAL D 66 -8.55 -12.69 -16.44
CA VAL D 66 -8.52 -11.32 -16.94
C VAL D 66 -9.92 -10.88 -17.34
N PHE D 67 -10.75 -11.81 -17.81
CA PHE D 67 -12.14 -11.49 -18.10
C PHE D 67 -12.90 -11.14 -16.84
N GLU D 68 -12.66 -11.87 -15.75
CA GLU D 68 -13.32 -11.57 -14.48
C GLU D 68 -12.85 -10.22 -13.97
N ARG D 69 -11.56 -9.91 -14.11
CA ARG D 69 -11.04 -8.61 -13.69
C ARG D 69 -11.70 -7.48 -14.46
N ILE D 70 -11.71 -7.58 -15.78
CA ILE D 70 -12.23 -6.48 -16.60
C ILE D 70 -13.74 -6.39 -16.48
N ALA D 71 -14.43 -7.52 -16.27
CA ALA D 71 -15.88 -7.49 -16.16
C ALA D 71 -16.30 -6.98 -14.79
N GLY D 72 -15.53 -7.30 -13.74
CA GLY D 72 -15.79 -6.70 -12.45
C GLY D 72 -15.53 -5.21 -12.45
N GLU D 73 -14.46 -4.77 -13.12
CA GLU D 73 -14.22 -3.33 -13.26
C GLU D 73 -15.31 -2.66 -14.07
N ALA D 74 -15.80 -3.34 -15.11
CA ALA D 74 -16.87 -2.79 -15.94
C ALA D 74 -18.15 -2.64 -15.15
N SER D 75 -18.55 -3.69 -14.43
CA SER D 75 -19.78 -3.66 -13.65
C SER D 75 -19.69 -2.64 -12.54
N ARG D 76 -18.53 -2.57 -11.85
CA ARG D 76 -18.35 -1.53 -10.84
C ARG D 76 -18.44 -0.15 -11.45
N LEU D 77 -17.64 0.12 -12.49
CA LEU D 77 -17.56 1.49 -13.01
C LEU D 77 -18.87 1.93 -13.65
N ALA D 78 -19.70 0.97 -14.08
CA ALA D 78 -21.07 1.31 -14.43
C ALA D 78 -21.90 1.65 -13.20
N HIS D 79 -21.77 0.85 -12.13
CA HIS D 79 -22.52 1.16 -10.90
C HIS D 79 -22.04 2.46 -10.24
N TYR D 80 -20.75 2.78 -10.37
CA TYR D 80 -20.12 3.80 -9.57
C TYR D 80 -20.57 5.19 -9.98
N ASN D 81 -20.91 5.37 -11.26
CA ASN D 81 -21.51 6.62 -11.72
C ASN D 81 -23.03 6.57 -11.73
N LYS D 82 -23.64 5.63 -10.99
CA LYS D 82 -25.09 5.41 -10.95
C LYS D 82 -25.65 5.15 -12.35
N ARG D 83 -25.15 4.11 -13.00
CA ARG D 83 -25.65 3.62 -14.27
C ARG D 83 -25.94 2.13 -14.16
N SER D 84 -27.01 1.70 -14.81
CA SER D 84 -27.46 0.31 -14.71
C SER D 84 -27.22 -0.49 -15.99
N THR D 85 -26.42 0.02 -16.93
CA THR D 85 -26.26 -0.64 -18.21
C THR D 85 -24.79 -0.73 -18.60
N ILE D 86 -24.31 -1.95 -18.79
CA ILE D 86 -22.99 -2.23 -19.35
C ILE D 86 -23.04 -1.93 -20.85
N THR D 87 -22.15 -1.07 -21.31
CA THR D 87 -22.03 -0.67 -22.70
C THR D 87 -20.57 -0.84 -23.15
N SER D 88 -20.27 -0.32 -24.33
CA SER D 88 -18.89 -0.38 -24.83
C SER D 88 -18.02 0.73 -24.24
N ARG D 89 -18.65 1.83 -23.80
CA ARG D 89 -17.87 3.00 -23.39
C ARG D 89 -17.17 2.77 -22.06
N GLU D 90 -17.89 2.22 -21.08
CA GLU D 90 -17.25 2.00 -19.79
C GLU D 90 -16.29 0.83 -19.84
N ILE D 91 -16.44 -0.08 -20.80
CA ILE D 91 -15.48 -1.19 -20.86
C ILE D 91 -14.25 -0.77 -21.65
N GLN D 92 -14.38 0.17 -22.58
CA GLN D 92 -13.16 0.71 -23.19
C GLN D 92 -12.42 1.56 -22.15
N THR D 93 -13.19 2.25 -21.31
CA THR D 93 -12.64 2.96 -20.17
C THR D 93 -11.87 2.01 -19.25
N ALA D 94 -12.48 0.87 -18.94
CA ALA D 94 -11.86 -0.05 -17.99
C ALA D 94 -10.69 -0.81 -18.60
N VAL D 95 -10.79 -1.17 -19.86
CA VAL D 95 -9.72 -1.92 -20.46
C VAL D 95 -8.53 -1.00 -20.38
N ARG D 96 -8.78 0.29 -20.55
CA ARG D 96 -7.71 1.27 -20.48
C ARG D 96 -7.30 1.44 -19.04
N LEU D 97 -8.22 1.15 -18.12
CA LEU D 97 -7.86 1.21 -16.71
C LEU D 97 -6.85 0.14 -16.37
N LEU D 98 -7.14 -1.09 -16.73
CA LEU D 98 -6.26 -2.20 -16.37
C LEU D 98 -5.07 -2.30 -17.31
N LEU D 99 -5.33 -2.74 -18.54
CA LEU D 99 -4.26 -2.85 -19.51
C LEU D 99 -3.52 -1.53 -19.60
N PRO D 100 -2.19 -1.58 -19.58
CA PRO D 100 -1.38 -0.36 -19.65
C PRO D 100 -1.34 0.18 -21.06
N GLY D 101 -0.55 1.22 -21.31
CA GLY D 101 -0.55 1.85 -22.61
C GLY D 101 -0.38 0.95 -23.81
N GLU D 102 0.65 0.12 -23.82
CA GLU D 102 0.89 -0.73 -24.96
C GLU D 102 -0.29 -1.66 -25.12
N LEU D 103 -0.80 -2.15 -24.01
CA LEU D 103 -1.95 -3.03 -24.06
C LEU D 103 -3.20 -2.19 -24.14
N ALA D 104 -3.04 -0.89 -24.33
CA ALA D 104 -4.19 -0.01 -24.34
C ALA D 104 -4.60 0.50 -25.70
N LYS D 105 -3.83 1.43 -26.27
CA LYS D 105 -4.30 2.04 -27.51
C LYS D 105 -4.51 1.01 -28.61
N HIS D 106 -3.65 -0.01 -28.70
CA HIS D 106 -3.93 -1.08 -29.66
C HIS D 106 -5.24 -1.81 -29.37
N ALA D 107 -5.48 -2.14 -28.10
CA ALA D 107 -6.70 -2.84 -27.73
C ALA D 107 -7.93 -1.99 -27.98
N VAL D 108 -7.90 -0.72 -27.57
CA VAL D 108 -9.08 0.13 -27.76
C VAL D 108 -9.30 0.40 -29.24
N SER D 109 -8.22 0.53 -30.02
CA SER D 109 -8.38 0.80 -31.45
C SER D 109 -9.03 -0.37 -32.17
N GLU D 110 -8.54 -1.59 -31.94
CA GLU D 110 -9.18 -2.69 -32.66
C GLU D 110 -10.54 -3.01 -32.06
N GLY D 111 -10.76 -2.67 -30.80
CA GLY D 111 -12.07 -2.83 -30.22
C GLY D 111 -13.11 -1.93 -30.87
N THR D 112 -12.76 -0.65 -31.07
CA THR D 112 -13.69 0.24 -31.76
C THR D 112 -13.89 -0.15 -33.22
N LYS D 113 -12.84 -0.61 -33.91
CA LYS D 113 -13.08 -1.01 -35.30
C LYS D 113 -13.91 -2.30 -35.36
N ALA D 114 -13.74 -3.19 -34.38
CA ALA D 114 -14.57 -4.39 -34.29
C ALA D 114 -16.02 -4.04 -34.00
N VAL D 115 -16.25 -3.08 -33.10
CA VAL D 115 -17.61 -2.65 -32.80
C VAL D 115 -18.26 -2.00 -34.01
N THR D 116 -17.51 -1.15 -34.73
CA THR D 116 -18.08 -0.48 -35.90
C THR D 116 -18.34 -1.46 -37.04
N LYS D 117 -17.48 -2.46 -37.21
CA LYS D 117 -17.75 -3.46 -38.24
C LYS D 117 -18.84 -4.42 -37.81
N TYR D 118 -19.08 -4.54 -36.51
CA TYR D 118 -20.22 -5.33 -36.04
C TYR D 118 -21.53 -4.61 -36.27
N THR D 119 -21.58 -3.31 -35.97
CA THR D 119 -22.81 -2.54 -36.23
C THR D 119 -23.00 -2.24 -37.70
N SER D 120 -21.93 -2.28 -38.50
CA SER D 120 -22.06 -2.12 -39.94
C SER D 120 -22.78 -3.32 -40.54
N ALA D 121 -22.49 -4.51 -40.04
CA ALA D 121 -23.16 -5.72 -40.48
C ALA D 121 -24.46 -5.92 -39.72
N LYS E 37 46.26 -35.12 -6.05
CA LYS E 37 45.25 -34.42 -5.26
C LYS E 37 43.97 -34.31 -6.10
N PRO E 38 42.85 -34.79 -5.55
CA PRO E 38 41.60 -34.82 -6.31
C PRO E 38 41.09 -33.43 -6.65
N HIS E 39 40.46 -33.31 -7.82
CA HIS E 39 39.98 -32.03 -8.28
C HIS E 39 38.81 -31.55 -7.44
N ARG E 40 38.92 -30.34 -6.91
CA ARG E 40 37.90 -29.76 -6.04
C ARG E 40 37.65 -28.32 -6.46
N TYR E 41 36.39 -27.98 -6.70
CA TYR E 41 36.03 -26.62 -7.06
C TYR E 41 36.11 -25.71 -5.83
N ARG E 42 36.34 -24.42 -6.06
CA ARG E 42 36.30 -23.46 -4.99
C ARG E 42 34.85 -23.33 -4.48
N PRO E 43 34.67 -23.01 -3.19
CA PRO E 43 33.30 -22.87 -2.66
C PRO E 43 32.52 -21.74 -3.34
N GLY E 44 31.46 -22.12 -4.04
CA GLY E 44 30.63 -21.17 -4.76
C GLY E 44 30.50 -21.44 -6.24
N THR E 45 31.51 -22.03 -6.90
CA THR E 45 31.43 -22.30 -8.33
C THR E 45 30.37 -23.37 -8.63
N VAL E 46 30.39 -24.46 -7.87
CA VAL E 46 29.33 -25.46 -7.97
C VAL E 46 27.99 -24.85 -7.58
N ALA E 47 28.01 -23.96 -6.59
CA ALA E 47 26.79 -23.27 -6.16
C ALA E 47 26.19 -22.45 -7.30
N LEU E 48 27.01 -21.69 -8.03
CA LEU E 48 26.49 -20.93 -9.18
C LEU E 48 26.08 -21.85 -10.33
N ARG E 49 26.81 -22.96 -10.51
CA ARG E 49 26.42 -23.92 -11.54
C ARG E 49 25.02 -24.46 -11.29
N GLU E 50 24.69 -24.76 -10.04
CA GLU E 50 23.35 -25.28 -9.80
C GLU E 50 22.35 -24.19 -9.43
N ILE E 51 22.80 -22.93 -9.27
CA ILE E 51 21.91 -21.79 -9.55
C ILE E 51 21.38 -21.89 -10.96
N ARG E 52 22.28 -22.04 -11.93
CA ARG E 52 21.88 -22.14 -13.32
C ARG E 52 21.01 -23.37 -13.55
N ARG E 53 21.35 -24.48 -12.88
CA ARG E 53 20.59 -25.72 -13.06
C ARG E 53 19.17 -25.58 -12.52
N TYR E 54 19.00 -25.06 -11.31
CA TYR E 54 17.65 -24.92 -10.76
C TYR E 54 16.93 -23.68 -11.27
N GLN E 55 17.59 -22.82 -12.04
CA GLN E 55 16.88 -21.70 -12.65
C GLN E 55 16.41 -22.02 -14.07
N LYS E 56 17.16 -22.79 -14.85
CA LYS E 56 16.62 -23.16 -16.16
C LYS E 56 15.60 -24.28 -16.04
N SER E 57 15.54 -24.94 -14.91
CA SER E 57 14.63 -26.06 -14.69
C SER E 57 13.28 -25.57 -14.18
N THR E 58 12.28 -26.44 -14.29
CA THR E 58 10.91 -26.13 -13.87
C THR E 58 10.30 -27.20 -12.97
N GLU E 59 11.00 -28.30 -12.71
CA GLU E 59 10.42 -29.33 -11.87
C GLU E 59 10.39 -28.90 -10.42
N LEU E 60 9.75 -29.74 -9.60
CA LEU E 60 9.27 -29.32 -8.30
C LEU E 60 10.22 -29.82 -7.22
N LEU E 61 10.71 -28.90 -6.40
CA LEU E 61 11.95 -29.10 -5.66
C LEU E 61 11.77 -29.67 -4.26
N ILE E 62 10.55 -29.99 -3.84
CA ILE E 62 10.32 -30.62 -2.55
C ILE E 62 9.87 -32.04 -2.80
N ARG E 63 10.38 -33.00 -2.03
CA ARG E 63 9.95 -34.38 -2.15
C ARG E 63 8.46 -34.48 -1.82
N LYS E 64 7.73 -35.18 -2.69
CA LYS E 64 6.28 -35.05 -2.75
C LYS E 64 5.59 -35.62 -1.51
N LEU E 65 5.94 -36.83 -1.11
CA LEU E 65 5.35 -37.48 0.06
C LEU E 65 5.65 -36.77 1.39
N PRO E 66 6.88 -36.27 1.67
CA PRO E 66 7.04 -35.44 2.88
C PRO E 66 6.18 -34.20 2.89
N PHE E 67 6.02 -33.53 1.74
CA PHE E 67 5.13 -32.37 1.68
C PHE E 67 3.68 -32.77 1.89
N GLN E 68 3.29 -33.93 1.34
CA GLN E 68 1.94 -34.45 1.52
C GLN E 68 1.68 -34.76 2.99
N ARG E 69 2.67 -35.35 3.67
CA ARG E 69 2.53 -35.62 5.09
C ARG E 69 2.46 -34.32 5.90
N LEU E 70 3.24 -33.31 5.50
CA LEU E 70 3.10 -31.97 6.08
C LEU E 70 1.68 -31.45 5.94
N VAL E 71 1.14 -31.51 4.72
CA VAL E 71 -0.17 -30.94 4.46
C VAL E 71 -1.25 -31.69 5.25
N ARG E 72 -1.12 -33.01 5.34
CA ARG E 72 -2.04 -33.79 6.16
C ARG E 72 -1.95 -33.42 7.64
N GLU E 73 -0.74 -33.28 8.19
CA GLU E 73 -0.66 -33.01 9.62
C GLU E 73 -1.06 -31.58 9.94
N ILE E 74 -0.96 -30.67 8.97
CA ILE E 74 -1.32 -29.29 9.26
C ILE E 74 -2.79 -29.04 8.91
N ALA E 75 -3.40 -29.95 8.17
CA ALA E 75 -4.85 -29.92 8.01
C ALA E 75 -5.54 -30.76 9.06
N GLN E 76 -4.79 -31.56 9.81
CA GLN E 76 -5.36 -32.39 10.85
C GLN E 76 -6.04 -31.59 11.95
N ASP E 77 -5.45 -30.46 12.36
CA ASP E 77 -5.99 -29.67 13.45
C ASP E 77 -7.29 -28.96 13.09
N PHE E 78 -7.43 -28.51 11.84
CA PHE E 78 -8.68 -27.91 11.39
C PHE E 78 -9.83 -28.90 11.30
N LYS E 79 -9.59 -30.07 10.73
CA LYS E 79 -10.66 -31.06 10.60
C LYS E 79 -10.04 -32.45 10.60
N THR E 80 -10.59 -33.34 11.42
CA THR E 80 -10.18 -34.73 11.43
C THR E 80 -10.80 -35.46 10.25
N ASP E 81 -10.09 -36.50 9.78
CA ASP E 81 -10.54 -37.38 8.69
C ASP E 81 -10.84 -36.58 7.42
N LEU E 82 -9.91 -35.73 7.02
CA LEU E 82 -10.07 -34.92 5.82
C LEU E 82 -9.25 -35.52 4.68
N ARG E 83 -9.88 -35.59 3.50
CA ARG E 83 -9.27 -36.22 2.35
C ARG E 83 -8.83 -35.17 1.36
N PHE E 84 -7.70 -35.44 0.69
CA PHE E 84 -7.08 -34.49 -0.22
C PHE E 84 -6.93 -35.12 -1.59
N GLN E 85 -7.30 -34.35 -2.62
CA GLN E 85 -7.09 -34.81 -3.99
C GLN E 85 -5.62 -34.63 -4.34
N SER E 86 -5.13 -35.45 -5.28
CA SER E 86 -3.72 -35.38 -5.68
C SER E 86 -3.39 -34.04 -6.33
N SER E 87 -4.30 -33.54 -7.17
CA SER E 87 -4.11 -32.22 -7.75
C SER E 87 -4.11 -31.12 -6.70
N ALA E 88 -4.81 -31.32 -5.58
CA ALA E 88 -4.81 -30.32 -4.51
C ALA E 88 -3.43 -30.19 -3.89
N VAL E 89 -2.80 -31.31 -3.53
CA VAL E 89 -1.47 -31.21 -2.94
C VAL E 89 -0.45 -30.80 -3.98
N MET E 90 -0.69 -31.09 -5.27
CA MET E 90 0.15 -30.50 -6.31
C MET E 90 0.01 -28.98 -6.35
N ALA E 91 -1.20 -28.47 -6.16
CA ALA E 91 -1.42 -27.03 -6.13
C ALA E 91 -0.76 -26.38 -4.92
N LEU E 92 -0.86 -27.02 -3.74
CA LEU E 92 -0.13 -26.52 -2.57
C LEU E 92 1.37 -26.53 -2.81
N GLN E 93 1.89 -27.60 -3.43
CA GLN E 93 3.29 -27.69 -3.79
C GLN E 93 3.74 -26.52 -4.66
N GLU E 94 3.01 -26.28 -5.75
CA GLU E 94 3.39 -25.22 -6.69
C GLU E 94 3.29 -23.85 -6.05
N ALA E 95 2.21 -23.61 -5.29
CA ALA E 95 2.03 -22.33 -4.62
C ALA E 95 3.11 -22.08 -3.57
N SER E 96 3.47 -23.13 -2.81
CA SER E 96 4.49 -22.96 -1.78
C SER E 96 5.86 -22.70 -2.39
N GLU E 97 6.21 -23.44 -3.46
CA GLU E 97 7.52 -23.18 -4.07
C GLU E 97 7.57 -21.81 -4.74
N ALA E 98 6.46 -21.35 -5.32
CA ALA E 98 6.43 -20.00 -5.88
C ALA E 98 6.59 -18.94 -4.78
N TYR E 99 5.88 -19.13 -3.66
CA TYR E 99 5.97 -18.20 -2.54
C TYR E 99 7.39 -18.13 -2.00
N LEU E 100 8.03 -19.29 -1.83
CA LEU E 100 9.37 -19.29 -1.26
C LEU E 100 10.43 -18.83 -2.26
N VAL E 101 10.26 -19.06 -3.56
CA VAL E 101 11.27 -18.55 -4.48
C VAL E 101 11.15 -17.03 -4.60
N ALA E 102 9.92 -16.49 -4.53
CA ALA E 102 9.77 -15.05 -4.51
C ALA E 102 10.35 -14.45 -3.22
N LEU E 103 10.08 -15.09 -2.08
CA LEU E 103 10.62 -14.61 -0.81
C LEU E 103 12.13 -14.72 -0.78
N PHE E 104 12.70 -15.70 -1.48
CA PHE E 104 14.14 -15.87 -1.46
C PHE E 104 14.85 -14.96 -2.45
N GLU E 105 14.18 -14.58 -3.56
CA GLU E 105 14.67 -13.46 -4.35
C GLU E 105 14.70 -12.19 -3.51
N ASP E 106 13.63 -11.93 -2.76
CA ASP E 106 13.60 -10.76 -1.89
C ASP E 106 14.67 -10.84 -0.81
N THR E 107 14.92 -12.05 -0.32
CA THR E 107 16.01 -12.30 0.62
C THR E 107 17.36 -11.97 0.02
N ASN E 108 17.58 -12.37 -1.23
CA ASN E 108 18.87 -12.11 -1.87
C ASN E 108 19.07 -10.62 -2.10
N LEU E 109 18.01 -9.89 -2.44
CA LEU E 109 18.12 -8.44 -2.54
C LEU E 109 18.40 -7.77 -1.20
N ALA E 110 17.73 -8.20 -0.13
CA ALA E 110 17.96 -7.54 1.16
C ALA E 110 19.30 -7.98 1.75
N ALA E 111 19.84 -9.10 1.29
CA ALA E 111 21.17 -9.53 1.72
C ALA E 111 22.28 -8.80 0.96
N ILE E 112 22.10 -8.63 -0.36
CA ILE E 112 23.08 -7.89 -1.15
C ILE E 112 23.04 -6.42 -0.78
N HIS E 113 21.95 -5.98 -0.15
CA HIS E 113 21.90 -4.62 0.38
C HIS E 113 22.99 -4.35 1.40
N ALA E 114 23.14 -5.24 2.39
CA ALA E 114 24.08 -4.98 3.48
C ALA E 114 25.49 -5.51 3.19
N LYS E 115 26.02 -5.22 2.01
CA LYS E 115 27.39 -5.53 1.59
C LYS E 115 27.76 -6.99 1.85
N ARG E 116 26.85 -7.89 1.49
CA ARG E 116 26.93 -9.27 1.90
C ARG E 116 26.59 -10.19 0.75
N VAL E 117 26.97 -11.46 0.91
CA VAL E 117 26.52 -12.55 0.05
C VAL E 117 25.74 -13.59 0.83
N THR E 118 26.17 -13.90 2.05
CA THR E 118 25.45 -14.86 2.88
C THR E 118 24.22 -14.20 3.48
N ILE E 119 23.12 -14.94 3.50
CA ILE E 119 21.89 -14.47 4.12
C ILE E 119 21.88 -14.91 5.57
N MET E 120 21.14 -14.20 6.40
CA MET E 120 20.78 -14.66 7.74
C MET E 120 19.26 -14.65 7.86
N PRO E 121 18.69 -15.23 8.93
CA PRO E 121 17.23 -15.08 9.12
C PRO E 121 16.77 -13.64 9.19
N LYS E 122 17.53 -12.77 9.87
CA LYS E 122 17.17 -11.37 10.09
C LYS E 122 16.91 -10.64 8.77
N ASP E 123 17.61 -11.04 7.70
CA ASP E 123 17.23 -10.68 6.34
C ASP E 123 15.76 -10.99 6.06
N ILE E 124 15.29 -12.19 6.42
CA ILE E 124 13.96 -12.57 5.92
C ILE E 124 12.87 -12.14 6.90
N GLN E 125 13.20 -11.93 8.19
CA GLN E 125 12.18 -11.24 8.99
C GLN E 125 12.00 -9.80 8.54
N LEU E 126 13.06 -9.11 8.09
CA LEU E 126 12.81 -7.80 7.52
C LEU E 126 12.08 -7.91 6.17
N ALA E 127 12.40 -8.93 5.38
CA ALA E 127 11.73 -9.10 4.09
C ALA E 127 10.24 -9.36 4.27
N ARG E 128 9.86 -10.12 5.30
CA ARG E 128 8.46 -10.33 5.60
C ARG E 128 7.81 -9.12 6.25
N ARG E 129 8.55 -8.41 7.10
CA ARG E 129 7.99 -7.24 7.78
C ARG E 129 7.66 -6.13 6.79
N ILE E 130 8.52 -5.90 5.80
CA ILE E 130 8.24 -4.82 4.87
C ILE E 130 7.12 -5.22 3.90
N ARG E 131 6.97 -6.51 3.62
CA ARG E 131 5.85 -6.97 2.79
C ARG E 131 4.52 -6.98 3.53
N GLY E 132 4.53 -6.80 4.85
CA GLY E 132 3.29 -6.64 5.59
C GLY E 132 2.55 -7.92 5.95
N GLU E 133 3.25 -8.90 6.51
CA GLU E 133 2.61 -10.06 7.09
C GLU E 133 3.15 -10.42 8.48
N ARG E 134 3.95 -9.55 9.09
CA ARG E 134 4.31 -9.72 10.49
C ARG E 134 3.58 -8.70 11.35
N ARG F 23 3.83 -32.76 13.60
CA ARG F 23 4.66 -33.83 14.13
C ARG F 23 6.07 -33.76 13.55
N ASP F 24 6.55 -34.90 13.03
CA ASP F 24 7.88 -34.95 12.43
C ASP F 24 7.90 -34.40 11.00
N ASN F 25 6.74 -34.31 10.35
CA ASN F 25 6.73 -33.99 8.92
C ASN F 25 7.05 -32.53 8.66
N ILE F 26 6.97 -31.67 9.69
CA ILE F 26 7.47 -30.31 9.54
C ILE F 26 8.98 -30.31 9.34
N GLN F 27 9.68 -31.28 9.94
CA GLN F 27 11.09 -31.47 9.63
C GLN F 27 11.28 -32.25 8.33
N GLY F 28 10.19 -32.75 7.74
CA GLY F 28 10.30 -33.40 6.45
C GLY F 28 10.70 -32.47 5.33
N ILE F 29 10.48 -31.17 5.50
CA ILE F 29 10.97 -30.17 4.56
C ILE F 29 12.45 -30.07 4.83
N THR F 30 13.26 -30.78 4.06
CA THR F 30 14.62 -31.01 4.51
C THR F 30 15.53 -29.83 4.15
N LYS F 31 16.71 -29.85 4.77
CA LYS F 31 17.72 -28.83 4.55
C LYS F 31 18.21 -28.75 3.11
N PRO F 32 18.52 -29.85 2.39
CA PRO F 32 18.81 -29.69 0.95
C PRO F 32 17.63 -29.18 0.14
N ALA F 33 16.39 -29.45 0.55
CA ALA F 33 15.24 -28.91 -0.18
C ALA F 33 15.15 -27.39 -0.04
N ILE F 34 15.37 -26.89 1.18
CA ILE F 34 15.41 -25.44 1.39
C ILE F 34 16.58 -24.83 0.64
N ARG F 35 17.71 -25.57 0.57
CA ARG F 35 18.82 -25.12 -0.25
C ARG F 35 18.44 -25.06 -1.73
N ARG F 36 17.68 -26.04 -2.21
CA ARG F 36 17.23 -26.03 -3.60
C ARG F 36 16.31 -24.85 -3.87
N LEU F 37 15.44 -24.52 -2.92
CA LEU F 37 14.59 -23.34 -3.05
C LEU F 37 15.42 -22.07 -3.09
N ALA F 38 16.47 -22.00 -2.27
CA ALA F 38 17.36 -20.85 -2.30
C ALA F 38 18.12 -20.76 -3.61
N ARG F 39 18.51 -21.91 -4.16
CA ARG F 39 19.27 -21.91 -5.40
C ARG F 39 18.40 -21.53 -6.59
N ARG F 40 17.13 -21.92 -6.56
CA ARG F 40 16.19 -21.36 -7.53
C ARG F 40 15.96 -19.88 -7.25
N GLY F 41 16.04 -19.48 -5.99
CA GLY F 41 15.91 -18.08 -5.59
C GLY F 41 17.17 -17.26 -5.77
N GLY F 42 18.25 -17.85 -6.26
CA GLY F 42 19.46 -17.10 -6.54
C GLY F 42 20.33 -16.79 -5.35
N VAL F 43 20.24 -17.57 -4.28
CA VAL F 43 21.03 -17.33 -3.08
C VAL F 43 22.31 -18.16 -3.16
N LYS F 44 23.45 -17.53 -2.92
CA LYS F 44 24.72 -18.23 -2.96
C LYS F 44 25.10 -18.90 -1.65
N ARG F 45 24.95 -18.23 -0.52
CA ARG F 45 25.37 -18.78 0.77
C ARG F 45 24.24 -18.62 1.76
N ILE F 46 24.02 -19.64 2.58
CA ILE F 46 22.83 -19.77 3.41
C ILE F 46 23.30 -20.02 4.85
N SER F 47 22.76 -19.25 5.79
CA SER F 47 23.04 -19.46 7.19
C SER F 47 22.41 -20.75 7.69
N GLY F 48 22.97 -21.29 8.77
CA GLY F 48 22.43 -22.49 9.38
C GLY F 48 21.10 -22.28 10.07
N LEU F 49 20.81 -21.05 10.50
CA LEU F 49 19.56 -20.74 11.19
C LEU F 49 18.42 -20.41 10.24
N ILE F 50 18.67 -20.43 8.93
CA ILE F 50 17.64 -20.21 7.94
C ILE F 50 16.55 -21.27 8.02
N TYR F 51 16.94 -22.52 8.22
CA TYR F 51 16.09 -23.65 7.87
C TYR F 51 14.86 -23.77 8.78
N GLU F 52 15.05 -23.68 10.10
CA GLU F 52 13.93 -23.95 11.00
C GLU F 52 12.90 -22.81 11.01
N GLU F 53 13.35 -21.56 10.98
CA GLU F 53 12.39 -20.47 10.94
C GLU F 53 11.83 -20.27 9.54
N THR F 54 12.56 -20.73 8.51
CA THR F 54 11.97 -20.82 7.18
C THR F 54 10.87 -21.87 7.13
N ARG F 55 11.07 -22.98 7.85
CA ARG F 55 9.99 -23.97 8.02
C ARG F 55 8.80 -23.34 8.75
N GLY F 56 9.08 -22.47 9.72
CA GLY F 56 8.00 -21.76 10.39
C GLY F 56 7.23 -20.82 9.46
N VAL F 57 7.95 -20.09 8.61
CA VAL F 57 7.30 -19.20 7.64
C VAL F 57 6.47 -20.01 6.65
N LEU F 58 7.05 -21.11 6.17
CA LEU F 58 6.32 -22.04 5.31
C LEU F 58 5.04 -22.52 5.98
N LYS F 59 5.14 -23.01 7.21
CA LYS F 59 3.97 -23.62 7.82
C LYS F 59 2.90 -22.59 8.13
N VAL F 60 3.27 -21.36 8.52
CA VAL F 60 2.23 -20.36 8.80
C VAL F 60 1.51 -19.95 7.52
N PHE F 61 2.26 -19.85 6.41
CA PHE F 61 1.63 -19.69 5.10
C PHE F 61 0.67 -20.84 4.82
N LEU F 62 1.07 -22.07 5.18
CA LEU F 62 0.20 -23.22 5.00
C LEU F 62 -1.10 -23.15 5.82
N GLU F 63 -1.07 -22.81 7.12
CA GLU F 63 -2.37 -22.85 7.79
C GLU F 63 -3.25 -21.71 7.31
N ASN F 64 -2.66 -20.58 6.89
CA ASN F 64 -3.49 -19.53 6.30
C ASN F 64 -4.21 -20.02 5.04
N VAL F 65 -3.44 -20.55 4.08
CA VAL F 65 -4.04 -20.99 2.82
C VAL F 65 -4.99 -22.15 3.02
N ILE F 66 -4.59 -23.17 3.77
CA ILE F 66 -5.45 -24.34 3.87
C ILE F 66 -6.62 -24.07 4.79
N ARG F 67 -6.53 -23.06 5.66
CA ARG F 67 -7.70 -22.67 6.44
C ARG F 67 -8.75 -22.05 5.53
N ASP F 68 -8.32 -21.15 4.64
CA ASP F 68 -9.26 -20.61 3.65
C ASP F 68 -9.82 -21.70 2.76
N ALA F 69 -8.95 -22.63 2.33
CA ALA F 69 -9.37 -23.71 1.43
C ALA F 69 -10.35 -24.66 2.12
N VAL F 70 -10.10 -25.00 3.39
CA VAL F 70 -11.02 -25.92 4.06
C VAL F 70 -12.33 -25.20 4.34
N THR F 71 -12.31 -23.89 4.61
CA THR F 71 -13.55 -23.17 4.85
C THR F 71 -14.43 -23.16 3.60
N TYR F 72 -13.80 -22.93 2.44
CA TYR F 72 -14.46 -23.20 1.17
C TYR F 72 -14.96 -24.64 1.08
N THR F 73 -14.21 -25.59 1.64
CA THR F 73 -14.58 -27.00 1.49
C THR F 73 -15.84 -27.36 2.30
N GLU F 74 -15.92 -26.97 3.58
CA GLU F 74 -17.19 -27.32 4.26
C GLU F 74 -18.29 -26.30 3.95
N HIS F 75 -18.01 -25.24 3.20
CA HIS F 75 -19.15 -24.55 2.62
C HIS F 75 -19.90 -25.41 1.61
N ALA F 76 -19.16 -26.19 0.82
CA ALA F 76 -19.79 -26.93 -0.28
C ALA F 76 -20.52 -28.18 0.17
N LYS F 77 -20.79 -28.34 1.47
CA LYS F 77 -21.25 -29.59 2.08
C LYS F 77 -20.27 -30.72 1.78
N ARG F 78 -19.00 -30.36 1.60
CA ARG F 78 -17.96 -31.29 1.23
C ARG F 78 -16.98 -31.45 2.38
N LYS F 79 -16.41 -32.65 2.46
CA LYS F 79 -15.35 -32.93 3.40
C LYS F 79 -14.20 -33.70 2.77
N THR F 80 -14.04 -33.59 1.44
CA THR F 80 -12.75 -33.72 0.80
C THR F 80 -12.48 -32.41 0.06
N VAL F 81 -11.21 -32.10 -0.13
CA VAL F 81 -10.82 -30.80 -0.69
C VAL F 81 -10.45 -31.01 -2.15
N THR F 82 -10.55 -29.94 -2.94
CA THR F 82 -10.19 -29.97 -4.35
C THR F 82 -9.07 -28.98 -4.63
N ALA F 83 -8.35 -29.22 -5.73
CA ALA F 83 -7.38 -28.24 -6.21
C ALA F 83 -8.07 -26.95 -6.61
N MET F 84 -9.32 -27.06 -7.05
CA MET F 84 -10.10 -25.88 -7.38
C MET F 84 -10.28 -25.01 -6.14
N ASP F 85 -10.59 -25.63 -5.00
CA ASP F 85 -10.69 -24.88 -3.75
C ASP F 85 -9.34 -24.30 -3.32
N VAL F 86 -8.25 -24.98 -3.67
CA VAL F 86 -6.92 -24.48 -3.33
C VAL F 86 -6.61 -23.20 -4.08
N VAL F 87 -6.79 -23.20 -5.41
CA VAL F 87 -6.54 -21.98 -6.19
C VAL F 87 -7.58 -20.92 -5.85
N TYR F 88 -8.73 -21.34 -5.34
CA TYR F 88 -9.77 -20.42 -4.90
C TYR F 88 -9.33 -19.68 -3.64
N ALA F 89 -8.73 -20.42 -2.69
CA ALA F 89 -8.17 -19.82 -1.49
C ALA F 89 -6.98 -18.91 -1.82
N LEU F 90 -6.16 -19.30 -2.80
CA LEU F 90 -5.12 -18.40 -3.27
C LEU F 90 -5.68 -17.12 -3.86
N LYS F 91 -6.73 -17.26 -4.68
CA LYS F 91 -7.44 -16.11 -5.23
C LYS F 91 -7.90 -15.16 -4.14
N ARG F 92 -8.40 -15.71 -3.02
CA ARG F 92 -8.68 -14.83 -1.88
C ARG F 92 -7.42 -14.20 -1.31
N GLN F 93 -6.40 -15.01 -0.97
CA GLN F 93 -5.20 -14.49 -0.31
C GLN F 93 -4.45 -13.51 -1.19
N GLY F 94 -4.70 -13.54 -2.50
CA GLY F 94 -4.21 -12.54 -3.41
C GLY F 94 -3.34 -13.08 -4.51
N ARG F 95 -2.63 -14.17 -4.26
CA ARG F 95 -1.71 -14.74 -5.24
C ARG F 95 -2.52 -15.64 -6.17
N THR F 96 -2.27 -15.51 -7.46
CA THR F 96 -3.09 -16.19 -8.45
C THR F 96 -2.30 -17.32 -9.09
N LEU F 97 -2.92 -18.50 -9.17
CA LEU F 97 -2.31 -19.67 -9.78
C LEU F 97 -3.08 -20.04 -11.04
N TYR F 98 -2.35 -20.44 -12.08
CA TYR F 98 -2.94 -20.77 -13.36
C TYR F 98 -2.75 -22.25 -13.63
N GLY F 99 -3.64 -22.82 -14.45
CA GLY F 99 -3.51 -24.19 -14.90
C GLY F 99 -4.02 -25.24 -13.93
N PHE F 100 -4.44 -24.85 -12.73
CA PHE F 100 -5.05 -25.76 -11.79
C PHE F 100 -6.57 -25.61 -11.75
N GLY F 101 -7.17 -25.24 -12.87
CA GLY F 101 -8.59 -24.99 -12.94
C GLY F 101 -8.94 -23.55 -12.61
N GLY F 102 -10.17 -23.17 -12.93
CA GLY F 102 -10.63 -21.82 -12.71
C GLY F 102 -10.03 -20.81 -13.67
N LYS G 13 -50.20 -1.01 13.04
CA LYS G 13 -48.92 -0.93 13.71
C LYS G 13 -47.92 -1.84 13.00
N ALA G 14 -46.86 -1.24 12.48
CA ALA G 14 -45.80 -1.96 11.78
C ALA G 14 -44.50 -1.82 12.56
N LYS G 15 -43.88 -2.95 12.87
CA LYS G 15 -42.62 -2.99 13.61
C LYS G 15 -41.48 -3.22 12.63
N THR G 16 -40.30 -2.69 12.96
CA THR G 16 -39.16 -2.83 12.08
C THR G 16 -38.50 -4.20 12.25
N ARG G 17 -37.70 -4.57 11.25
CA ARG G 17 -37.04 -5.87 11.29
C ARG G 17 -35.88 -5.87 12.27
N SER G 18 -35.31 -4.70 12.57
CA SER G 18 -34.21 -4.63 13.51
C SER G 18 -34.65 -4.97 14.93
N SER G 19 -35.82 -4.45 15.33
CA SER G 19 -36.36 -4.78 16.65
C SER G 19 -36.78 -6.24 16.71
N ARG G 20 -37.16 -6.82 15.57
CA ARG G 20 -37.35 -8.27 15.51
C ARG G 20 -36.03 -8.99 15.74
N ALA G 21 -34.94 -8.45 15.18
CA ALA G 21 -33.63 -9.07 15.33
C ALA G 21 -32.89 -8.57 16.57
N GLY G 22 -33.42 -7.56 17.26
CA GLY G 22 -32.74 -6.99 18.40
C GLY G 22 -31.46 -6.25 18.06
N LEU G 23 -31.46 -5.48 16.98
CA LEU G 23 -30.30 -4.73 16.55
C LEU G 23 -30.67 -3.26 16.37
N GLN G 24 -29.65 -2.40 16.36
CA GLN G 24 -29.85 -1.01 16.01
C GLN G 24 -29.54 -0.72 14.55
N PHE G 25 -28.67 -1.52 13.92
CA PHE G 25 -28.48 -1.40 12.49
C PHE G 25 -29.71 -1.90 11.74
N PRO G 26 -30.05 -1.26 10.63
CA PRO G 26 -31.34 -1.51 9.97
C PRO G 26 -31.23 -2.64 8.96
N VAL G 27 -32.16 -3.60 9.06
CA VAL G 27 -32.20 -4.68 8.09
C VAL G 27 -32.72 -4.18 6.75
N GLY G 28 -33.59 -3.17 6.77
CA GLY G 28 -34.27 -2.75 5.56
C GLY G 28 -33.35 -2.18 4.49
N ARG G 29 -32.54 -1.18 4.85
CA ARG G 29 -31.67 -0.58 3.86
C ARG G 29 -30.56 -1.53 3.44
N VAL G 30 -30.12 -2.44 4.32
CA VAL G 30 -29.02 -3.30 3.92
C VAL G 30 -29.54 -4.42 3.03
N HIS G 31 -30.82 -4.81 3.22
CA HIS G 31 -31.48 -5.66 2.24
C HIS G 31 -31.62 -4.94 0.91
N ARG G 32 -31.96 -3.66 0.94
CA ARG G 32 -32.10 -2.90 -0.30
C ARG G 32 -30.75 -2.70 -0.99
N LEU G 33 -29.68 -2.53 -0.22
CA LEU G 33 -28.34 -2.43 -0.78
C LEU G 33 -27.84 -3.77 -1.29
N LEU G 34 -28.31 -4.87 -0.70
CA LEU G 34 -28.05 -6.17 -1.31
C LEU G 34 -28.79 -6.29 -2.64
N ARG G 35 -30.00 -5.77 -2.70
CA ARG G 35 -30.83 -5.96 -3.89
C ARG G 35 -30.39 -5.07 -5.05
N LYS G 36 -30.49 -3.75 -4.89
CA LYS G 36 -30.14 -2.85 -5.99
C LYS G 36 -28.65 -2.65 -6.14
N GLY G 37 -27.86 -3.04 -5.13
CA GLY G 37 -26.41 -2.96 -5.19
C GLY G 37 -25.78 -4.04 -6.01
N ASN G 38 -26.60 -4.95 -6.55
CA ASN G 38 -26.26 -5.81 -7.68
C ASN G 38 -25.16 -6.79 -7.24
N TYR G 39 -25.47 -7.53 -6.18
CA TYR G 39 -24.62 -8.62 -5.75
C TYR G 39 -25.19 -9.99 -6.10
N ALA G 40 -26.50 -10.19 -5.92
CA ALA G 40 -27.16 -11.39 -6.39
C ALA G 40 -28.61 -11.08 -6.73
N GLU G 41 -29.13 -11.81 -7.70
CA GLU G 41 -30.51 -11.61 -8.14
C GLU G 41 -31.53 -12.12 -7.11
N ARG G 42 -31.13 -13.01 -6.20
CA ARG G 42 -32.00 -13.46 -5.13
C ARG G 42 -31.23 -13.47 -3.81
N VAL G 43 -31.89 -12.95 -2.77
CA VAL G 43 -31.32 -12.87 -1.42
C VAL G 43 -32.40 -13.29 -0.41
N GLY G 44 -32.00 -14.10 0.56
CA GLY G 44 -32.94 -14.56 1.56
C GLY G 44 -33.20 -13.53 2.64
N ALA G 45 -34.12 -13.88 3.54
CA ALA G 45 -34.51 -12.96 4.60
C ALA G 45 -33.44 -12.84 5.68
N GLY G 46 -32.79 -13.95 6.05
CA GLY G 46 -31.84 -13.92 7.14
C GLY G 46 -30.48 -13.35 6.80
N ALA G 47 -30.14 -13.24 5.51
CA ALA G 47 -28.85 -12.70 5.13
C ALA G 47 -28.66 -11.23 5.53
N PRO G 48 -29.60 -10.30 5.27
CA PRO G 48 -29.40 -8.93 5.79
C PRO G 48 -29.43 -8.86 7.31
N VAL G 49 -30.14 -9.75 7.99
CA VAL G 49 -30.13 -9.76 9.45
C VAL G 49 -28.76 -10.12 9.97
N TYR G 50 -28.17 -11.20 9.44
CA TYR G 50 -26.82 -11.59 9.81
C TYR G 50 -25.80 -10.53 9.42
N LEU G 51 -26.00 -9.90 8.27
CA LEU G 51 -25.11 -8.85 7.80
C LEU G 51 -25.11 -7.65 8.74
N ALA G 52 -26.31 -7.18 9.13
CA ALA G 52 -26.41 -6.08 10.09
C ALA G 52 -25.84 -6.48 11.44
N ALA G 53 -26.00 -7.75 11.83
CA ALA G 53 -25.46 -8.22 13.09
C ALA G 53 -23.93 -8.13 13.13
N VAL G 54 -23.27 -8.62 12.08
CA VAL G 54 -21.81 -8.58 12.08
C VAL G 54 -21.30 -7.15 11.91
N LEU G 55 -22.06 -6.31 11.19
CA LEU G 55 -21.69 -4.90 11.11
C LEU G 55 -21.78 -4.22 12.47
N GLU G 56 -22.83 -4.52 13.24
CA GLU G 56 -22.93 -4.03 14.61
C GLU G 56 -21.77 -4.51 15.46
N TYR G 57 -21.38 -5.78 15.31
CA TYR G 57 -20.33 -6.32 16.16
C TYR G 57 -19.00 -5.62 15.90
N LEU G 58 -18.62 -5.49 14.63
CA LEU G 58 -17.37 -4.83 14.28
C LEU G 58 -17.41 -3.33 14.63
N THR G 59 -18.57 -2.68 14.42
CA THR G 59 -18.69 -1.27 14.77
C THR G 59 -18.58 -1.07 16.27
N ALA G 60 -19.15 -2.00 17.05
CA ALA G 60 -19.08 -1.92 18.51
C ALA G 60 -17.64 -2.06 18.99
N GLU G 61 -16.88 -3.00 18.43
CA GLU G 61 -15.49 -3.15 18.86
C GLU G 61 -14.64 -1.94 18.47
N ILE G 62 -14.79 -1.42 17.25
CA ILE G 62 -13.95 -0.28 16.85
C ILE G 62 -14.34 0.96 17.65
N LEU G 63 -15.63 1.12 17.95
CA LEU G 63 -16.06 2.29 18.72
C LEU G 63 -15.66 2.18 20.18
N GLU G 64 -15.66 0.96 20.73
CA GLU G 64 -15.28 0.76 22.12
C GLU G 64 -13.77 0.97 22.31
N LEU G 65 -12.97 0.51 21.34
CA LEU G 65 -11.55 0.80 21.38
C LEU G 65 -11.28 2.29 21.19
N ALA G 66 -12.06 2.96 20.34
CA ALA G 66 -11.93 4.41 20.20
C ALA G 66 -12.31 5.13 21.48
N GLY G 67 -13.31 4.62 22.20
CA GLY G 67 -13.68 5.21 23.47
C GLY G 67 -12.60 5.04 24.52
N ASN G 68 -11.95 3.87 24.53
CA ASN G 68 -10.81 3.67 25.42
C ASN G 68 -9.67 4.63 25.07
N ALA G 69 -9.44 4.83 23.77
CA ALA G 69 -8.41 5.78 23.35
C ALA G 69 -8.76 7.20 23.78
N ALA G 70 -10.04 7.57 23.67
CA ALA G 70 -10.49 8.90 24.08
C ALA G 70 -10.37 9.11 25.58
N ARG G 71 -10.67 8.07 26.37
CA ARG G 71 -10.46 8.14 27.81
C ARG G 71 -8.97 8.29 28.15
N ASP G 72 -8.12 7.55 27.44
CA ASP G 72 -6.69 7.62 27.71
C ASP G 72 -6.10 8.95 27.26
N ASN G 73 -6.70 9.59 26.26
CA ASN G 73 -6.26 10.89 25.76
C ASN G 73 -7.07 12.04 26.45
N LYS G 74 -7.88 11.56 27.40
CA LYS G 74 -8.80 12.35 28.25
C LYS G 74 -9.61 13.36 27.44
N LYS G 75 -10.15 12.89 26.32
CA LYS G 75 -11.06 13.67 25.49
C LYS G 75 -12.41 12.98 25.54
N THR G 76 -13.50 13.76 25.59
CA THR G 76 -14.83 13.18 25.72
C THR G 76 -15.55 13.10 24.39
N ARG G 77 -14.83 13.35 23.29
CA ARG G 77 -15.41 13.23 21.97
C ARG G 77 -14.42 12.50 21.08
N ILE G 78 -14.93 11.59 20.24
CA ILE G 78 -14.07 10.75 19.40
C ILE G 78 -13.46 11.58 18.29
N ILE G 79 -12.13 11.46 18.14
CA ILE G 79 -11.39 12.14 17.08
C ILE G 79 -10.80 11.01 16.25
N PRO G 80 -10.51 11.21 14.96
CA PRO G 80 -9.85 10.13 14.20
C PRO G 80 -8.46 9.76 14.67
N ARG G 81 -7.81 10.59 15.47
CA ARG G 81 -6.60 10.13 16.14
C ARG G 81 -6.90 8.98 17.08
N HIS G 82 -8.02 9.07 17.81
CA HIS G 82 -8.47 7.95 18.63
C HIS G 82 -8.81 6.74 17.78
N LEU G 83 -9.41 6.97 16.60
CA LEU G 83 -9.72 5.86 15.70
C LEU G 83 -8.45 5.19 15.20
N GLN G 84 -7.43 5.99 14.89
CA GLN G 84 -6.16 5.46 14.43
C GLN G 84 -5.47 4.67 15.52
N LEU G 85 -5.49 5.18 16.76
CA LEU G 85 -4.93 4.41 17.87
C LEU G 85 -5.70 3.12 18.09
N ALA G 86 -7.03 3.16 17.94
CA ALA G 86 -7.85 1.97 18.08
C ALA G 86 -7.51 0.93 17.03
N VAL G 87 -7.32 1.34 15.77
CA VAL G 87 -7.12 0.37 14.70
C VAL G 87 -5.66 -0.11 14.69
N ARG G 88 -4.73 0.72 15.17
CA ARG G 88 -3.33 0.33 15.09
C ARG G 88 -2.85 -0.40 16.33
N ASN G 89 -3.39 -0.10 17.50
CA ASN G 89 -3.02 -0.86 18.69
C ASN G 89 -3.55 -2.29 18.65
N ASP G 90 -4.73 -2.49 18.08
CA ASP G 90 -5.23 -3.85 17.90
C ASP G 90 -4.59 -4.49 16.68
N GLU G 91 -3.88 -5.58 16.91
CA GLU G 91 -3.14 -6.27 15.86
C GLU G 91 -4.06 -6.99 14.88
N GLU G 92 -5.27 -7.32 15.34
CA GLU G 92 -6.20 -8.04 14.48
C GLU G 92 -6.78 -7.12 13.41
N LEU G 93 -7.16 -5.90 13.82
CA LEU G 93 -7.47 -4.84 12.86
C LEU G 93 -6.26 -4.46 12.03
N ASN G 94 -5.04 -4.67 12.54
CA ASN G 94 -3.84 -4.31 11.80
C ASN G 94 -3.59 -5.19 10.59
N LYS G 95 -4.26 -6.35 10.50
CA LYS G 95 -4.23 -7.03 9.21
C LYS G 95 -5.64 -7.13 8.63
N LEU G 96 -6.64 -6.69 9.40
CA LEU G 96 -7.92 -6.37 8.77
C LEU G 96 -7.86 -5.06 8.02
N LEU G 97 -7.29 -4.02 8.64
CA LEU G 97 -7.27 -2.67 8.09
C LEU G 97 -5.86 -2.08 8.02
N GLY G 98 -4.83 -2.93 8.07
CA GLY G 98 -3.49 -2.44 7.79
C GLY G 98 -3.31 -2.14 6.31
N ARG G 99 -4.13 -2.77 5.49
CA ARG G 99 -4.35 -2.43 4.09
C ARG G 99 -4.94 -1.01 3.94
N VAL G 100 -5.56 -0.49 4.99
CA VAL G 100 -6.36 0.72 4.95
C VAL G 100 -5.63 1.87 5.62
N THR G 101 -5.58 3.04 4.95
CA THR G 101 -5.20 4.29 5.58
C THR G 101 -6.45 5.13 5.82
N ILE G 102 -6.51 5.80 6.97
CA ILE G 102 -7.69 6.56 7.39
C ILE G 102 -7.32 8.03 7.44
N ALA G 103 -8.34 8.88 7.54
CA ALA G 103 -8.13 10.32 7.47
C ALA G 103 -7.68 10.88 8.82
N GLN G 104 -6.66 11.73 8.79
CA GLN G 104 -6.14 12.47 9.95
C GLN G 104 -5.76 11.53 11.10
N GLY G 105 -5.10 10.43 10.78
CA GLY G 105 -4.76 9.45 11.79
C GLY G 105 -3.39 9.62 12.40
N GLY G 106 -2.42 10.04 11.59
CA GLY G 106 -1.05 10.00 12.08
C GLY G 106 -0.56 8.56 12.10
N VAL G 107 0.53 8.35 12.84
CA VAL G 107 1.13 7.03 12.98
C VAL G 107 1.22 6.69 14.46
N LEU G 108 1.61 5.45 14.74
CA LEU G 108 1.85 5.04 16.11
C LEU G 108 3.12 5.72 16.63
N PRO G 109 3.14 6.06 17.91
CA PRO G 109 4.37 6.64 18.48
C PRO G 109 5.44 5.57 18.71
N ASN G 110 6.13 5.18 17.65
CA ASN G 110 7.16 4.14 17.73
C ASN G 110 8.53 4.69 17.38
N ILE G 111 9.53 4.31 18.17
CA ILE G 111 10.93 4.62 17.92
C ILE G 111 11.71 3.32 17.93
N GLN G 112 12.49 3.08 16.90
CA GLN G 112 13.35 1.90 16.87
C GLN G 112 14.46 2.04 17.90
N SER G 113 14.85 0.89 18.48
CA SER G 113 15.72 0.89 19.65
C SER G 113 17.13 1.40 19.34
N VAL G 114 17.61 1.17 18.12
CA VAL G 114 18.96 1.62 17.78
C VAL G 114 19.01 3.13 17.64
N LEU G 115 17.87 3.77 17.40
CA LEU G 115 17.83 5.23 17.31
C LEU G 115 17.80 5.91 18.66
N LEU G 116 17.60 5.15 19.74
CA LEU G 116 17.65 5.74 21.08
C LEU G 116 19.09 6.10 21.43
N PRO G 117 19.29 7.13 22.25
CA PRO G 117 20.64 7.42 22.75
C PRO G 117 21.12 6.33 23.69
N LYS G 118 22.44 6.16 23.74
CA LYS G 118 23.04 5.13 24.59
C LYS G 118 22.95 5.48 26.06
N LYS H 28 -31.28 11.30 -6.09
CA LYS H 28 -32.12 12.39 -5.60
C LYS H 28 -31.39 13.23 -4.54
N THR H 29 -32.11 14.19 -3.96
CA THR H 29 -31.54 15.03 -2.92
C THR H 29 -31.26 14.23 -1.66
N ARG H 30 -32.04 13.18 -1.41
CA ARG H 30 -31.83 12.34 -0.24
C ARG H 30 -30.53 11.56 -0.36
N LYS H 31 -29.68 11.71 0.65
CA LYS H 31 -28.41 10.98 0.73
C LYS H 31 -28.41 10.10 1.95
N GLU H 32 -27.91 8.88 1.77
CA GLU H 32 -28.28 7.75 2.60
C GLU H 32 -27.02 7.20 3.26
N SER H 33 -26.98 7.21 4.60
CA SER H 33 -25.78 6.83 5.33
C SER H 33 -26.16 6.35 6.71
N TYR H 34 -25.19 5.71 7.40
CA TYR H 34 -25.42 5.05 8.68
C TYR H 34 -25.18 5.98 9.87
N ALA H 35 -25.67 7.21 9.80
CA ALA H 35 -25.38 8.21 10.82
C ALA H 35 -26.03 7.85 12.15
N ILE H 36 -27.36 7.82 12.18
CA ILE H 36 -28.07 7.66 13.45
C ILE H 36 -27.88 6.24 13.98
N TYR H 37 -27.63 5.26 13.10
CA TYR H 37 -27.50 3.88 13.55
C TYR H 37 -26.20 3.68 14.33
N VAL H 38 -25.08 4.16 13.78
CA VAL H 38 -23.82 4.08 14.49
C VAL H 38 -23.85 4.98 15.72
N TYR H 39 -24.59 6.09 15.64
CA TYR H 39 -24.78 6.93 16.83
C TYR H 39 -25.48 6.15 17.95
N LYS H 40 -26.52 5.37 17.61
CA LYS H 40 -27.25 4.65 18.64
C LYS H 40 -26.45 3.49 19.19
N VAL H 41 -25.64 2.81 18.36
CA VAL H 41 -24.83 1.73 18.91
C VAL H 41 -23.69 2.32 19.75
N LEU H 42 -23.24 3.54 19.42
CA LEU H 42 -22.29 4.23 20.28
C LEU H 42 -22.90 4.56 21.62
N LYS H 43 -24.15 5.06 21.63
CA LYS H 43 -24.84 5.32 22.88
C LYS H 43 -25.10 4.03 23.66
N GLN H 44 -25.31 2.92 22.95
CA GLN H 44 -25.44 1.62 23.59
C GLN H 44 -24.13 1.23 24.27
N VAL H 45 -23.00 1.53 23.63
CA VAL H 45 -21.70 1.23 24.22
C VAL H 45 -21.36 2.31 25.24
N HIS H 46 -21.29 3.56 24.79
CA HIS H 46 -20.93 4.70 25.65
C HIS H 46 -22.03 5.76 25.52
N PRO H 47 -22.96 5.83 26.47
CA PRO H 47 -23.97 6.90 26.42
C PRO H 47 -23.49 8.19 27.04
N ASP H 48 -22.25 8.57 26.77
CA ASP H 48 -21.71 9.84 27.21
C ASP H 48 -20.75 10.49 26.22
N THR H 49 -20.46 9.86 25.09
CA THR H 49 -19.34 10.23 24.24
C THR H 49 -19.85 10.84 22.93
N GLY H 50 -19.26 11.96 22.53
CA GLY H 50 -19.56 12.59 21.27
C GLY H 50 -18.81 11.94 20.11
N ILE H 51 -19.04 12.49 18.92
CA ILE H 51 -18.43 11.96 17.70
C ILE H 51 -18.16 13.12 16.75
N SER H 52 -17.03 13.08 16.04
CA SER H 52 -16.75 14.05 15.01
C SER H 52 -17.39 13.64 13.70
N SER H 53 -17.76 14.64 12.90
CA SER H 53 -18.45 14.39 11.64
C SER H 53 -17.54 13.70 10.62
N LYS H 54 -16.29 14.14 10.51
CA LYS H 54 -15.36 13.46 9.61
C LYS H 54 -14.92 12.12 10.17
N ALA H 55 -14.84 11.99 11.50
CA ALA H 55 -14.76 10.66 12.11
C ALA H 55 -16.00 9.83 11.81
N MET H 56 -17.14 10.49 11.68
CA MET H 56 -18.37 9.76 11.43
C MET H 56 -18.38 9.27 9.99
N SER H 57 -17.79 10.05 9.09
CA SER H 57 -17.60 9.62 7.71
C SER H 57 -16.59 8.48 7.62
N ILE H 58 -15.57 8.51 8.49
CA ILE H 58 -14.66 7.38 8.64
C ILE H 58 -15.45 6.12 8.97
N MET H 59 -16.35 6.20 9.96
CA MET H 59 -17.19 5.06 10.32
C MET H 59 -18.10 4.62 9.18
N ASN H 60 -18.71 5.57 8.47
CA ASN H 60 -19.66 5.23 7.41
C ASN H 60 -18.95 4.55 6.24
N SER H 61 -17.83 5.12 5.78
CA SER H 61 -17.05 4.49 4.73
C SER H 61 -16.48 3.15 5.17
N PHE H 62 -16.16 3.01 6.46
CA PHE H 62 -15.60 1.76 6.95
C PHE H 62 -16.64 0.65 6.96
N VAL H 63 -17.85 0.95 7.44
CA VAL H 63 -18.89 -0.08 7.45
C VAL H 63 -19.33 -0.39 6.02
N ASN H 64 -19.33 0.61 5.13
CA ASN H 64 -19.63 0.36 3.73
C ASN H 64 -18.59 -0.56 3.09
N ASP H 65 -17.31 -0.34 3.40
CA ASP H 65 -16.25 -1.14 2.80
C ASP H 65 -16.30 -2.58 3.31
N VAL H 66 -16.47 -2.77 4.62
CA VAL H 66 -16.50 -4.13 5.14
C VAL H 66 -17.77 -4.84 4.68
N PHE H 67 -18.87 -4.08 4.52
CA PHE H 67 -20.08 -4.65 3.92
C PHE H 67 -19.83 -5.11 2.50
N GLU H 68 -19.10 -4.31 1.72
CA GLU H 68 -18.78 -4.70 0.35
C GLU H 68 -17.93 -5.95 0.32
N ARG H 69 -16.92 -6.04 1.20
CA ARG H 69 -16.06 -7.22 1.21
C ARG H 69 -16.83 -8.48 1.59
N ILE H 70 -17.62 -8.41 2.67
CA ILE H 70 -18.37 -9.58 3.13
C ILE H 70 -19.42 -9.99 2.10
N ALA H 71 -20.08 -9.02 1.45
CA ALA H 71 -21.11 -9.37 0.50
C ALA H 71 -20.52 -9.90 -0.80
N GLY H 72 -19.38 -9.35 -1.23
CA GLY H 72 -18.74 -9.83 -2.43
C GLY H 72 -18.21 -11.24 -2.27
N GLU H 73 -17.57 -11.55 -1.14
CA GLU H 73 -17.12 -12.92 -0.95
C GLU H 73 -18.28 -13.88 -0.72
N ALA H 74 -19.37 -13.42 -0.07
CA ALA H 74 -20.51 -14.30 0.12
C ALA H 74 -21.21 -14.59 -1.20
N SER H 75 -21.33 -13.58 -2.07
CA SER H 75 -21.88 -13.79 -3.40
C SER H 75 -20.99 -14.71 -4.21
N ARG H 76 -19.67 -14.55 -4.09
CA ARG H 76 -18.75 -15.52 -4.69
C ARG H 76 -19.04 -16.92 -4.20
N LEU H 77 -18.80 -17.20 -2.91
CA LEU H 77 -18.84 -18.59 -2.45
C LEU H 77 -20.26 -19.17 -2.50
N ALA H 78 -21.28 -18.32 -2.68
CA ALA H 78 -22.59 -18.81 -3.12
C ALA H 78 -22.57 -19.22 -4.59
N HIS H 79 -21.97 -18.42 -5.48
CA HIS H 79 -21.79 -18.84 -6.88
C HIS H 79 -20.89 -20.07 -6.99
N TYR H 80 -19.99 -20.22 -6.04
CA TYR H 80 -18.79 -21.03 -6.23
C TYR H 80 -19.09 -22.50 -5.96
N ASN H 81 -20.25 -22.78 -5.36
CA ASN H 81 -20.80 -24.12 -5.25
C ASN H 81 -22.10 -24.28 -6.03
N LYS H 82 -22.28 -23.48 -7.09
CA LYS H 82 -23.40 -23.58 -8.02
C LYS H 82 -24.74 -23.26 -7.33
N ARG H 83 -24.67 -22.56 -6.20
CA ARG H 83 -25.86 -22.00 -5.56
C ARG H 83 -26.16 -20.62 -6.16
N SER H 84 -27.37 -20.14 -5.87
CA SER H 84 -27.84 -18.86 -6.44
C SER H 84 -28.74 -18.09 -5.49
N THR H 85 -28.69 -18.35 -4.19
CA THR H 85 -29.49 -17.59 -3.24
C THR H 85 -28.62 -17.19 -2.06
N ILE H 86 -28.99 -16.09 -1.40
CA ILE H 86 -28.19 -15.55 -0.31
C ILE H 86 -28.91 -15.75 1.03
N THR H 87 -28.41 -16.71 1.80
CA THR H 87 -28.96 -17.13 3.09
C THR H 87 -27.94 -16.91 4.21
N SER H 88 -28.23 -17.45 5.39
CA SER H 88 -27.41 -17.18 6.56
C SER H 88 -26.16 -18.06 6.63
N ARG H 89 -26.19 -19.25 6.02
CA ARG H 89 -25.10 -20.21 6.19
C ARG H 89 -23.82 -19.75 5.53
N GLU H 90 -23.91 -19.27 4.29
CA GLU H 90 -22.72 -18.82 3.58
C GLU H 90 -22.16 -17.53 4.18
N ILE H 91 -23.02 -16.65 4.72
CA ILE H 91 -22.48 -15.44 5.32
C ILE H 91 -21.88 -15.75 6.68
N GLN H 92 -22.36 -16.80 7.35
CA GLN H 92 -21.65 -17.33 8.52
C GLN H 92 -20.28 -17.84 8.11
N THR H 93 -20.22 -18.56 6.99
CA THR H 93 -18.95 -19.06 6.47
C THR H 93 -18.00 -17.91 6.14
N ALA H 94 -18.53 -16.87 5.51
CA ALA H 94 -17.71 -15.76 5.08
C ALA H 94 -17.28 -14.86 6.24
N VAL H 95 -18.09 -14.78 7.30
CA VAL H 95 -17.65 -13.95 8.43
C VAL H 95 -16.61 -14.70 9.26
N ARG H 96 -16.69 -16.04 9.31
CA ARG H 96 -15.56 -16.75 9.91
C ARG H 96 -14.33 -16.69 9.01
N LEU H 97 -14.54 -16.54 7.70
CA LEU H 97 -13.47 -16.58 6.72
C LEU H 97 -12.70 -15.26 6.65
N LEU H 98 -13.41 -14.16 6.45
CA LEU H 98 -12.77 -12.85 6.31
C LEU H 98 -12.19 -12.34 7.60
N LEU H 99 -13.06 -11.97 8.54
CA LEU H 99 -12.60 -11.44 9.81
C LEU H 99 -11.60 -12.37 10.42
N PRO H 100 -10.56 -11.82 11.04
CA PRO H 100 -9.61 -12.69 11.74
C PRO H 100 -10.33 -13.47 12.82
N GLY H 101 -9.76 -14.59 13.26
CA GLY H 101 -10.44 -15.45 14.21
C GLY H 101 -11.08 -14.87 15.45
N GLU H 102 -10.35 -14.05 16.19
CA GLU H 102 -10.91 -13.55 17.45
C GLU H 102 -12.26 -12.91 17.23
N LEU H 103 -12.32 -12.00 16.28
CA LEU H 103 -13.58 -11.33 15.99
C LEU H 103 -14.57 -12.34 15.46
N ALA H 104 -14.07 -13.30 14.71
CA ALA H 104 -14.95 -14.27 14.07
C ALA H 104 -15.89 -15.05 15.00
N LYS H 105 -15.33 -15.91 15.86
CA LYS H 105 -16.22 -16.77 16.64
C LYS H 105 -17.25 -15.95 17.41
N HIS H 106 -16.88 -14.76 17.89
CA HIS H 106 -17.88 -13.92 18.56
C HIS H 106 -18.91 -13.39 17.58
N ALA H 107 -18.50 -13.05 16.36
CA ALA H 107 -19.44 -12.60 15.34
C ALA H 107 -20.40 -13.71 14.93
N VAL H 108 -19.89 -14.93 14.77
CA VAL H 108 -20.74 -16.07 14.49
C VAL H 108 -21.72 -16.31 15.64
N SER H 109 -21.26 -16.20 16.89
CA SER H 109 -22.13 -16.38 18.04
C SER H 109 -23.26 -15.36 18.05
N GLU H 110 -22.92 -14.08 17.86
CA GLU H 110 -23.94 -13.05 17.93
C GLU H 110 -24.88 -13.11 16.73
N GLY H 111 -24.35 -13.45 15.55
CA GLY H 111 -25.21 -13.60 14.39
C GLY H 111 -26.16 -14.77 14.50
N THR H 112 -25.67 -15.90 15.03
CA THR H 112 -26.53 -17.06 15.23
C THR H 112 -27.60 -16.78 16.28
N LYS H 113 -27.27 -16.11 17.39
CA LYS H 113 -28.31 -15.81 18.36
C LYS H 113 -29.28 -14.76 17.83
N ALA H 114 -28.79 -13.87 16.95
CA ALA H 114 -29.66 -12.88 16.34
C ALA H 114 -30.66 -13.53 15.38
N VAL H 115 -30.20 -14.45 14.53
CA VAL H 115 -31.12 -15.10 13.62
C VAL H 115 -32.01 -16.09 14.39
N THR H 116 -31.52 -16.62 15.50
CA THR H 116 -32.37 -17.43 16.38
C THR H 116 -33.50 -16.61 16.96
N LYS H 117 -33.19 -15.38 17.40
CA LYS H 117 -34.20 -14.45 17.87
C LYS H 117 -35.17 -14.09 16.75
N TYR H 118 -34.65 -13.91 15.54
CA TYR H 118 -35.49 -13.55 14.39
C TYR H 118 -36.48 -14.66 14.06
N THR H 119 -36.03 -15.91 14.06
CA THR H 119 -36.95 -17.01 13.76
C THR H 119 -37.87 -17.32 14.94
N SER H 120 -37.42 -17.05 16.17
CA SER H 120 -38.29 -17.25 17.33
C SER H 120 -39.41 -16.22 17.35
N ALA H 121 -39.09 -14.98 16.99
CA ALA H 121 -40.10 -13.94 16.90
C ALA H 121 -40.79 -13.95 15.55
N LYS H 122 -40.38 -14.84 14.64
CA LYS H 122 -40.92 -14.99 13.29
C LYS H 122 -40.83 -13.69 12.50
N GLU K 7 28.64 57.75 14.16
CA GLU K 7 28.01 57.91 15.47
C GLU K 7 27.12 56.71 15.80
N PHE K 8 26.13 56.95 16.66
CA PHE K 8 25.19 55.92 17.08
C PHE K 8 23.79 56.29 16.60
N ALA K 9 23.11 55.33 15.98
CA ALA K 9 21.76 55.53 15.48
C ALA K 9 20.89 54.33 15.87
N LEU K 10 19.59 54.57 15.93
CA LEU K 10 18.64 53.52 16.22
C LEU K 10 18.58 52.52 15.07
N GLY K 11 18.85 51.25 15.37
CA GLY K 11 18.91 50.21 14.37
C GLY K 11 20.22 50.10 13.64
N GLY K 12 21.19 50.96 13.92
CA GLY K 12 22.45 50.91 13.21
C GLY K 12 23.41 49.88 13.78
N ARG K 13 24.44 49.59 12.99
CA ARG K 13 25.49 48.67 13.41
C ARG K 13 26.34 49.30 14.50
N CYS K 14 26.82 48.45 15.42
CA CYS K 14 27.79 48.90 16.41
C CYS K 14 28.66 47.72 16.79
N LEU K 15 29.83 48.01 17.35
CA LEU K 15 30.74 47.01 17.87
C LEU K 15 30.94 47.24 19.36
N ALA K 16 30.87 46.16 20.14
CA ALA K 16 30.75 46.28 21.58
C ALA K 16 31.64 45.29 22.30
N PHE K 17 31.97 45.62 23.54
CA PHE K 17 32.75 44.72 24.36
C PHE K 17 31.88 43.59 24.81
N HIS K 18 32.51 42.48 25.18
CA HIS K 18 31.77 41.36 25.74
C HIS K 18 32.97 40.61 26.19
N GLY K 19 33.23 40.62 27.48
CA GLY K 19 34.47 40.06 27.94
C GLY K 19 35.63 40.79 27.31
N PRO K 20 36.60 40.05 26.75
CA PRO K 20 37.73 40.69 26.10
C PRO K 20 37.54 40.92 24.60
N LEU K 21 36.40 40.56 24.02
CA LEU K 21 36.27 40.50 22.57
C LEU K 21 35.17 41.41 22.06
N MET K 22 35.21 41.63 20.75
CA MET K 22 34.37 42.59 20.03
C MET K 22 33.25 41.85 19.33
N TYR K 23 32.03 42.38 19.45
CA TYR K 23 30.90 41.74 18.80
C TYR K 23 29.99 42.79 18.17
N GLU K 24 29.42 42.44 17.02
CA GLU K 24 28.53 43.32 16.30
C GLU K 24 27.13 43.25 16.88
N ALA K 25 26.43 44.39 16.89
CA ALA K 25 25.14 44.48 17.54
C ALA K 25 24.28 45.55 16.87
N LYS K 26 22.98 45.41 17.07
CA LYS K 26 21.97 46.36 16.65
C LYS K 26 21.57 47.22 17.85
N ILE K 27 21.44 48.52 17.62
CA ILE K 27 20.97 49.43 18.67
C ILE K 27 19.46 49.55 18.56
N LEU K 28 18.74 48.93 19.49
CA LEU K 28 17.29 48.97 19.50
C LEU K 28 16.72 50.12 20.31
N LYS K 29 17.38 50.52 21.39
CA LYS K 29 16.93 51.63 22.22
C LYS K 29 18.10 52.55 22.50
N ILE K 30 17.80 53.84 22.65
CA ILE K 30 18.79 54.86 23.01
C ILE K 30 18.33 55.51 24.30
N TRP K 31 19.17 55.48 25.33
CA TRP K 31 18.82 55.94 26.66
C TRP K 31 19.45 57.30 26.94
N ASP K 32 18.69 58.20 27.56
CA ASP K 32 19.19 59.50 27.99
C ASP K 32 19.16 59.54 29.51
N PRO K 33 20.30 59.69 30.18
CA PRO K 33 20.30 59.69 31.65
C PRO K 33 19.58 60.86 32.28
N SER K 34 19.59 62.03 31.62
CA SER K 34 19.02 63.23 32.21
C SER K 34 17.49 63.14 32.29
N SER K 35 16.86 62.60 31.24
CA SER K 35 15.41 62.53 31.20
C SER K 35 14.85 61.25 31.80
N LYS K 36 15.71 60.30 32.18
CA LYS K 36 15.32 58.97 32.67
C LYS K 36 14.39 58.29 31.67
N MET K 37 14.83 58.23 30.42
CA MET K 37 13.97 57.96 29.28
C MET K 37 14.80 57.28 28.20
N TYR K 38 14.13 56.51 27.34
CA TYR K 38 14.76 55.94 26.17
C TYR K 38 13.80 55.96 24.99
N THR K 39 14.39 56.04 23.80
CA THR K 39 13.66 55.94 22.54
C THR K 39 13.89 54.58 21.92
N SER K 40 12.85 54.03 21.30
CA SER K 40 12.88 52.67 20.80
C SER K 40 12.38 52.62 19.36
N ILE K 41 12.57 51.46 18.74
CA ILE K 41 12.14 51.22 17.36
C ILE K 41 11.09 50.13 17.36
N PRO K 42 10.15 50.12 16.40
CA PRO K 42 9.14 49.06 16.32
C PRO K 42 9.73 47.71 15.94
N LYS K 57 9.68 57.87 19.46
CA LYS K 57 8.68 57.59 20.48
C LYS K 57 9.33 57.45 21.87
N PRO K 58 9.45 58.58 22.57
CA PRO K 58 10.07 58.55 23.91
C PRO K 58 9.22 57.79 24.92
N GLN K 59 9.90 57.13 25.86
CA GLN K 59 9.24 56.41 26.93
C GLN K 59 10.22 56.16 28.07
N LYS K 60 9.68 56.02 29.27
CA LYS K 60 10.47 55.71 30.44
C LYS K 60 10.65 54.19 30.57
N LEU K 61 11.43 53.79 31.58
CA LEU K 61 11.65 52.37 31.83
C LEU K 61 10.36 51.70 32.32
N GLY K 62 10.15 50.47 31.87
CA GLY K 62 8.96 49.73 32.27
C GLY K 62 9.10 49.11 33.64
N GLU K 63 8.09 48.32 33.99
CA GLU K 63 8.06 47.65 35.29
C GLU K 63 9.15 46.59 35.40
N ASP K 64 9.32 45.79 34.35
CA ASP K 64 10.34 44.74 34.33
C ASP K 64 11.64 45.20 33.68
N GLU K 65 11.70 46.43 33.20
CA GLU K 65 12.87 46.94 32.51
C GLU K 65 13.74 47.75 33.47
N SER K 66 15.03 47.49 33.43
CA SER K 66 15.98 48.17 34.31
C SER K 66 17.34 48.22 33.61
N ILE K 67 18.16 49.17 34.03
CA ILE K 67 19.51 49.35 33.50
C ILE K 67 20.46 49.25 34.68
N PRO K 68 21.60 48.57 34.54
CA PRO K 68 22.60 48.56 35.62
C PRO K 68 23.10 49.96 35.94
N GLU K 69 23.31 50.21 37.24
CA GLU K 69 23.61 51.56 37.71
C GLU K 69 25.03 51.98 37.39
N GLU K 70 25.89 51.05 36.95
CA GLU K 70 27.25 51.41 36.59
C GLU K 70 27.30 52.25 35.31
N ILE K 71 26.27 52.15 34.47
CA ILE K 71 26.29 52.80 33.17
C ILE K 71 25.11 53.76 33.02
N ILE K 72 24.11 53.64 33.90
CA ILE K 72 22.86 54.38 33.75
C ILE K 72 23.05 55.90 33.89
N ASN K 73 24.16 56.34 34.48
CA ASN K 73 24.53 57.74 34.50
C ASN K 73 25.14 58.23 33.18
N GLY K 74 25.66 57.32 32.37
CA GLY K 74 26.10 57.62 31.03
C GLY K 74 25.05 57.22 29.99
N LYS K 75 25.28 57.68 28.77
CA LYS K 75 24.31 57.44 27.70
C LYS K 75 24.36 55.98 27.27
N CYS K 76 23.25 55.28 27.46
CA CYS K 76 23.18 53.84 27.25
C CYS K 76 22.49 53.52 25.93
N PHE K 77 22.79 52.32 25.44
CA PHE K 77 22.10 51.77 24.27
C PHE K 77 21.74 50.33 24.58
N PHE K 78 20.47 49.98 24.36
CA PHE K 78 20.04 48.59 24.40
C PHE K 78 20.43 47.97 23.06
N ILE K 79 21.19 46.88 23.11
CA ILE K 79 21.76 46.30 21.91
C ILE K 79 21.44 44.82 21.87
N HIS K 80 21.40 44.32 20.63
CA HIS K 80 21.13 42.92 20.31
C HIS K 80 22.31 42.35 19.53
N TYR K 81 22.91 41.28 20.05
CA TYR K 81 24.07 40.69 19.39
C TYR K 81 23.65 39.95 18.13
N GLN K 82 24.36 40.20 17.04
CA GLN K 82 24.09 39.49 15.79
C GLN K 82 24.54 38.05 15.89
N GLY K 83 23.72 37.14 15.36
CA GLY K 83 24.02 35.72 15.44
C GLY K 83 23.77 35.10 16.80
N TRP K 84 23.13 35.83 17.71
CA TRP K 84 22.85 35.35 19.06
C TRP K 84 21.46 35.82 19.44
N LYS K 85 20.79 35.08 20.31
CA LYS K 85 19.37 35.32 20.54
C LYS K 85 19.10 36.51 21.44
N SER K 86 17.82 36.79 21.68
CA SER K 86 17.39 37.96 22.44
C SER K 86 17.71 37.86 23.92
N SER K 87 18.07 36.68 24.42
CA SER K 87 18.50 36.56 25.81
C SER K 87 19.83 37.26 26.06
N TRP K 88 20.60 37.53 25.01
CA TRP K 88 21.87 38.24 25.10
C TRP K 88 21.72 39.74 24.94
N ASP K 89 20.50 40.25 24.80
CA ASP K 89 20.29 41.67 24.60
C ASP K 89 20.53 42.42 25.89
N GLU K 90 21.25 43.55 25.82
CA GLU K 90 21.64 44.20 27.06
C GLU K 90 21.92 45.69 26.83
N TRP K 91 21.95 46.43 27.93
CA TRP K 91 22.27 47.85 27.92
C TRP K 91 23.78 48.05 28.10
N VAL K 92 24.36 48.91 27.26
CA VAL K 92 25.79 49.20 27.31
C VAL K 92 26.01 50.72 27.23
N GLY K 93 27.00 51.21 27.97
CA GLY K 93 27.40 52.59 27.89
C GLY K 93 28.52 52.80 26.88
N TYR K 94 29.01 54.05 26.81
CA TYR K 94 30.11 54.41 25.92
C TYR K 94 31.37 53.59 26.18
N ASP K 95 31.57 53.13 27.41
CA ASP K 95 32.67 52.22 27.69
C ASP K 95 32.52 50.93 26.90
N ARG K 96 31.32 50.36 26.90
CA ARG K 96 31.10 49.08 26.23
C ARG K 96 30.63 49.22 24.79
N ILE K 97 30.34 50.42 24.30
CA ILE K 97 29.84 50.59 22.93
C ILE K 97 30.73 51.56 22.15
N ARG K 98 30.91 51.26 20.87
CA ARG K 98 31.66 52.09 19.93
C ARG K 98 30.90 52.14 18.61
N ALA K 99 31.16 53.17 17.83
CA ALA K 99 30.53 53.29 16.53
C ALA K 99 31.10 52.26 15.56
N TYR K 100 30.31 51.91 14.55
CA TYR K 100 30.71 50.93 13.54
C TYR K 100 31.51 51.66 12.47
N ASN K 101 32.82 51.79 12.70
CA ASN K 101 33.71 52.41 11.74
C ASN K 101 34.94 51.53 11.58
N GLU K 102 35.76 51.88 10.58
CA GLU K 102 36.83 51.00 10.13
C GLU K 102 37.91 50.80 11.20
N GLU K 103 38.09 51.80 12.08
CA GLU K 103 39.02 51.64 13.20
C GLU K 103 38.52 50.57 14.16
N ASN K 104 37.23 50.62 14.51
CA ASN K 104 36.65 49.61 15.38
C ASN K 104 36.60 48.24 14.72
N ILE K 105 36.34 48.19 13.41
CA ILE K 105 36.37 46.92 12.69
C ILE K 105 37.77 46.33 12.67
N ALA K 106 38.79 47.19 12.49
CA ALA K 106 40.16 46.72 12.47
C ALA K 106 40.61 46.22 13.84
N MET K 107 40.24 46.90 14.92
CA MET K 107 40.61 46.39 16.24
C MET K 107 39.75 45.19 16.63
N LYS K 108 38.56 45.06 16.03
CA LYS K 108 37.79 43.83 16.14
C LYS K 108 38.52 42.66 15.49
N LYS K 109 39.09 42.89 14.31
CA LYS K 109 39.93 41.88 13.67
C LYS K 109 41.15 41.55 14.53
N ARG K 110 41.74 42.57 15.14
CA ARG K 110 42.91 42.38 16.00
C ARG K 110 42.56 41.51 17.22
N LEU K 111 41.42 41.79 17.85
CA LEU K 111 41.04 40.99 19.03
C LEU K 111 40.55 39.61 18.62
N ALA K 112 40.01 39.47 17.41
CA ALA K 112 39.74 38.14 16.87
C ALA K 112 41.04 37.36 16.68
N ASN K 113 42.09 38.03 16.25
CA ASN K 113 43.40 37.39 16.16
C ASN K 113 43.95 37.04 17.54
N GLU K 114 43.68 37.88 18.54
CA GLU K 114 44.08 37.55 19.91
C GLU K 114 43.34 36.32 20.42
N ALA K 115 42.05 36.21 20.12
CA ALA K 115 41.30 35.01 20.49
C ALA K 115 41.80 33.79 19.73
N LYS K 116 42.22 33.98 18.47
CA LYS K 116 42.82 32.90 17.70
C LYS K 116 44.14 32.44 18.32
N GLU K 117 44.95 33.39 18.79
CA GLU K 117 46.19 33.04 19.47
C GLU K 117 45.92 32.34 20.79
N ALA K 118 44.87 32.75 21.50
CA ALA K 118 44.48 32.04 22.73
C ALA K 118 44.05 30.61 22.44
N LYS K 119 43.29 30.41 21.35
CA LYS K 119 42.89 29.07 20.95
C LYS K 119 44.09 28.24 20.52
N LYS K 120 45.06 28.87 19.85
CA LYS K 120 46.29 28.16 19.47
C LYS K 120 47.11 27.77 20.69
N SER K 121 47.15 28.64 21.69
CA SER K 121 47.82 28.30 22.94
C SER K 121 47.09 27.18 23.68
N LEU K 122 45.76 27.17 23.60
CA LEU K 122 44.97 26.06 24.12
C LEU K 122 45.35 24.75 23.43
N LEU K 123 45.48 24.78 22.09
CA LEU K 123 45.87 23.60 21.33
C LEU K 123 47.28 23.14 21.71
N GLU K 124 48.20 24.09 21.87
CA GLU K 124 49.57 23.73 22.25
C GLU K 124 49.62 23.13 23.65
N GLN K 125 48.87 23.68 24.60
CA GLN K 125 48.96 23.15 25.96
C GLN K 125 48.27 21.79 26.05
N GLN K 126 47.20 21.57 25.27
CA GLN K 126 46.56 20.26 25.31
C GLN K 126 47.39 19.21 24.58
N LYS K 127 48.12 19.62 23.53
CA LYS K 127 48.97 18.63 22.85
C LYS K 127 50.23 18.33 23.64
N LYS K 128 50.67 19.28 24.49
CA LYS K 128 51.74 18.96 25.43
C LYS K 128 51.21 18.13 26.59
N LYS K 129 49.94 18.32 26.96
CA LYS K 129 49.32 17.49 27.99
C LYS K 129 49.15 16.06 27.52
N LYS K 130 48.86 15.86 26.23
CA LYS K 130 48.77 14.50 25.69
C LYS K 130 50.11 13.80 25.72
N LEU K 131 51.19 14.53 25.44
CA LEU K 131 52.53 13.97 25.51
C LEU K 131 52.98 13.83 26.96
#